data_4B5M
#
_entry.id   4B5M
#
_cell.length_a   77.050
_cell.length_b   77.050
_cell.length_c   382.580
_cell.angle_alpha   90.00
_cell.angle_beta   90.00
_cell.angle_gamma   90.00
#
_symmetry.space_group_name_H-M   'P 41 21 2'
#
loop_
_entity.id
_entity.type
_entity.pdbx_description
1 polymer 'PUTATIVE EXODEOXYRIBONUCLEASE'
2 polymer "5'-D(*3DRP*CP*AP*TP*CP*GP)-3'"
3 polymer "5'-D(*GP*CP*TP*AP*CP)-3'"
4 polymer "5'-D(*CP*GP*AP*TP*GP*CP*GP*TP*AP*GP*CP)-3'"
#
loop_
_entity_poly.entity_id
_entity_poly.type
_entity_poly.pdbx_seq_one_letter_code
_entity_poly.pdbx_strand_id
1 'polypeptide(L)'
;MLKIISANVNGIRSAYKKGFYEYIAASGADIVCVQELKAQEADLSADMKNPHGMHGHWHCAEKRGYSGVAVYSKRKPDNV
QIGMGIEEFDREGRFVRCDFGRLSVISLYLPSGSSAEERQQVKYRFLDAFYPMLEAMKNEGRDIVVCGDWNIAHQNIDLK
NWKGNQKNSGFLPEEREWIGKVIHKLGWTDMWRTLYPDVPGYTWWSNRGQAYAKDVGWRIDYQMVTPELAAKAVSAHVYK
DEKFSDHAPLVVEYDYAAE
;
A,B,C
2 'polydeoxyribonucleotide' (3DR)(DC)(DA)(DT)(DC)(DG) L,M,N
3 'polydeoxyribonucleotide' (DG)(DC)(DT)(DA)(DC) U,W,Y
4 'polydeoxyribonucleotide' (DC)(DG)(DA)(DT)(DG)(DC)(DG)(DT)(DA)(DG)(DC) V,X,Z
#
loop_
_chem_comp.id
_chem_comp.type
_chem_comp.name
_chem_comp.formula
3DR DNA linking 1',2'-DIDEOXYRIBOFURANOSE-5'-PHOSPHATE 'C5 H11 O6 P'
DA DNA linking 2'-DEOXYADENOSINE-5'-MONOPHOSPHATE 'C10 H14 N5 O6 P'
DC DNA linking 2'-DEOXYCYTIDINE-5'-MONOPHOSPHATE 'C9 H14 N3 O7 P'
DG DNA linking 2'-DEOXYGUANOSINE-5'-MONOPHOSPHATE 'C10 H14 N5 O7 P'
DT DNA linking THYMIDINE-5'-MONOPHOSPHATE 'C10 H15 N2 O8 P'
#
# COMPACT_ATOMS: atom_id res chain seq x y z
N MET A 1 12.29 -7.60 31.54
CA MET A 1 11.56 -8.78 31.10
C MET A 1 10.83 -8.57 29.76
N LEU A 2 11.23 -9.33 28.73
CA LEU A 2 10.77 -9.09 27.36
C LEU A 2 10.20 -10.35 26.69
N LYS A 3 8.96 -10.30 26.22
CA LYS A 3 8.35 -11.46 25.56
C LYS A 3 8.00 -11.24 24.09
N ILE A 4 8.60 -12.04 23.21
CA ILE A 4 8.36 -11.92 21.77
C ILE A 4 7.65 -13.13 21.21
N ILE A 5 6.57 -12.89 20.47
CA ILE A 5 5.82 -13.97 19.86
C ILE A 5 5.89 -13.86 18.35
N SER A 6 6.07 -15.01 17.68
CA SER A 6 6.02 -15.02 16.22
C SER A 6 4.96 -15.99 15.76
N ALA A 7 4.04 -15.49 14.93
CA ALA A 7 2.90 -16.29 14.49
C ALA A 7 2.49 -16.05 13.03
N ASN A 8 2.58 -17.12 12.23
CA ASN A 8 1.96 -17.16 10.91
C ASN A 8 0.48 -17.43 11.17
N VAL A 9 -0.35 -16.42 10.96
CA VAL A 9 -1.77 -16.49 11.33
C VAL A 9 -2.66 -17.14 10.27
N ASN A 10 -2.13 -17.25 9.05
CA ASN A 10 -2.87 -17.86 7.96
C ASN A 10 -4.19 -17.14 7.74
N GLY A 11 -4.10 -15.85 7.46
CA GLY A 11 -5.26 -15.00 7.42
C GLY A 11 -5.49 -14.31 8.75
N ILE A 12 -5.08 -13.05 8.82
CA ILE A 12 -5.29 -12.23 10.00
C ILE A 12 -6.75 -12.23 10.39
N ARG A 13 -7.62 -12.23 9.38
CA ARG A 13 -9.05 -12.20 9.64
C ARG A 13 -9.52 -13.54 10.19
N SER A 14 -9.10 -14.62 9.54
CA SER A 14 -9.40 -15.96 10.04
C SER A 14 -9.00 -16.09 11.50
N ALA A 15 -7.75 -15.70 11.76
CA ALA A 15 -7.18 -15.78 13.11
C ALA A 15 -7.99 -14.96 14.10
N TYR A 16 -8.35 -13.74 13.73
CA TYR A 16 -9.19 -12.93 14.61
C TYR A 16 -10.53 -13.63 14.92
N LYS A 17 -11.10 -14.30 13.92
CA LYS A 17 -12.30 -15.11 14.14
C LYS A 17 -12.06 -16.30 15.05
N LYS A 18 -10.81 -16.77 15.14
CA LYS A 18 -10.54 -17.94 16.00
C LYS A 18 -9.99 -17.62 17.40
N GLY A 19 -9.92 -16.33 17.73
CA GLY A 19 -9.63 -15.92 19.09
C GLY A 19 -8.22 -15.41 19.29
N PHE A 20 -7.59 -14.98 18.20
CA PHE A 20 -6.20 -14.56 18.24
C PHE A 20 -6.07 -13.18 18.86
N TYR A 21 -7.07 -12.33 18.62
CA TYR A 21 -7.03 -10.96 19.15
C TYR A 21 -6.94 -10.95 20.67
N GLU A 22 -7.68 -11.86 21.30
CA GLU A 22 -7.66 -11.97 22.75
C GLU A 22 -6.32 -12.54 23.20
N TYR A 23 -5.81 -13.51 22.43
CA TYR A 23 -4.54 -14.11 22.76
C TYR A 23 -3.43 -13.07 22.78
N ILE A 24 -3.50 -12.11 21.86
CA ILE A 24 -2.48 -11.07 21.77
C ILE A 24 -2.26 -10.37 23.11
N ALA A 25 -3.32 -10.26 23.91
CA ALA A 25 -3.22 -9.59 25.19
C ALA A 25 -3.03 -10.58 26.34
N ALA A 26 -3.65 -11.74 26.24
CA ALA A 26 -3.56 -12.72 27.32
C ALA A 26 -2.11 -13.24 27.43
N SER A 27 -1.44 -13.33 26.29
CA SER A 27 -0.08 -13.85 26.25
C SER A 27 0.90 -13.01 27.05
N GLY A 28 0.58 -11.75 27.28
CA GLY A 28 1.51 -10.86 27.95
C GLY A 28 2.58 -10.33 27.01
N ALA A 29 2.58 -10.84 25.77
CA ALA A 29 3.55 -10.44 24.76
C ALA A 29 3.75 -8.93 24.67
N ASP A 30 5.03 -8.52 24.69
CA ASP A 30 5.41 -7.13 24.52
C ASP A 30 5.53 -6.78 23.04
N ILE A 31 5.87 -7.78 22.23
CA ILE A 31 5.94 -7.62 20.80
C ILE A 31 5.43 -8.85 20.08
N VAL A 32 4.54 -8.66 19.10
CA VAL A 32 4.08 -9.77 18.28
C VAL A 32 4.40 -9.59 16.80
N CYS A 33 4.94 -10.65 16.20
CA CYS A 33 5.30 -10.65 14.80
C CYS A 33 4.41 -11.60 14.06
N VAL A 34 3.73 -11.09 13.04
CA VAL A 34 2.73 -11.85 12.32
C VAL A 34 3.09 -11.97 10.84
N GLN A 35 2.79 -13.13 10.25
CA GLN A 35 2.98 -13.38 8.82
C GLN A 35 1.73 -14.01 8.22
N GLU A 36 1.63 -13.94 6.89
CA GLU A 36 0.44 -14.39 6.16
C GLU A 36 -0.84 -13.66 6.60
N LEU A 37 -0.79 -12.34 6.55
CA LEU A 37 -1.98 -11.52 6.80
C LEU A 37 -3.15 -11.93 5.90
N LYS A 38 -2.86 -12.17 4.62
CA LYS A 38 -3.87 -12.46 3.62
C LYS A 38 -4.84 -11.28 3.59
N ALA A 39 -4.28 -10.09 3.41
CA ALA A 39 -5.05 -8.85 3.47
C ALA A 39 -4.20 -7.65 3.12
N GLN A 40 -4.86 -6.57 2.69
CA GLN A 40 -4.18 -5.30 2.42
C GLN A 40 -4.64 -4.24 3.41
N GLU A 41 -3.95 -3.11 3.41
CA GLU A 41 -4.22 -2.07 4.40
C GLU A 41 -5.72 -1.77 4.52
N ALA A 42 -6.40 -1.81 3.39
CA ALA A 42 -7.83 -1.51 3.33
C ALA A 42 -8.68 -2.53 4.08
N ASP A 43 -8.33 -3.81 3.93
CA ASP A 43 -9.09 -4.89 4.56
C ASP A 43 -8.87 -4.93 6.08
N LEU A 44 -7.99 -4.06 6.57
CA LEU A 44 -7.58 -4.12 7.98
C LEU A 44 -8.46 -3.29 8.93
N SER A 45 -9.18 -3.98 9.79
CA SER A 45 -9.84 -3.38 10.95
C SER A 45 -8.82 -2.57 11.75
N ALA A 46 -9.30 -1.65 12.58
CA ALA A 46 -8.39 -0.86 13.42
C ALA A 46 -7.84 -1.72 14.54
N ASP A 47 -8.59 -2.76 14.90
CA ASP A 47 -8.14 -3.70 15.92
C ASP A 47 -7.09 -4.66 15.36
N MET A 48 -6.97 -4.70 14.05
CA MET A 48 -5.95 -5.50 13.41
C MET A 48 -4.79 -4.62 12.98
N LYS A 49 -4.70 -3.42 13.53
CA LYS A 49 -3.62 -2.50 13.20
C LYS A 49 -2.97 -1.96 14.46
N ASN A 50 -3.79 -1.83 15.50
CA ASN A 50 -3.35 -1.36 16.81
C ASN A 50 -4.02 -2.18 17.90
N PRO A 51 -3.83 -3.50 17.87
CA PRO A 51 -4.48 -4.39 18.83
C PRO A 51 -4.20 -3.95 20.25
N HIS A 52 -5.24 -3.82 21.06
CA HIS A 52 -5.13 -3.39 22.46
C HIS A 52 -4.29 -2.13 22.66
N GLY A 53 -4.27 -1.26 21.66
CA GLY A 53 -3.57 0.00 21.77
C GLY A 53 -2.08 -0.13 21.52
N MET A 54 -1.66 -1.32 21.08
CA MET A 54 -0.27 -1.52 20.69
C MET A 54 -0.01 -0.75 19.40
N HIS A 55 1.25 -0.41 19.15
CA HIS A 55 1.62 0.12 17.84
C HIS A 55 1.70 -1.01 16.84
N GLY A 56 1.70 -0.66 15.56
CA GLY A 56 1.64 -1.68 14.54
C GLY A 56 2.16 -1.18 13.22
N HIS A 57 2.91 -2.04 12.54
CA HIS A 57 3.44 -1.70 11.22
C HIS A 57 3.42 -2.89 10.28
N TRP A 58 2.97 -2.65 9.05
CA TRP A 58 2.71 -3.75 8.15
C TRP A 58 3.26 -3.49 6.77
N HIS A 59 3.29 -4.54 5.96
CA HIS A 59 3.79 -4.50 4.60
C HIS A 59 2.96 -5.52 3.84
N CYS A 60 2.02 -5.05 3.03
CA CYS A 60 1.07 -5.95 2.39
C CYS A 60 1.40 -6.19 0.92
N ALA A 61 0.93 -7.31 0.38
CA ALA A 61 1.23 -7.68 -1.00
C ALA A 61 0.40 -6.87 -1.99
N GLU A 62 0.91 -6.74 -3.22
CA GLU A 62 0.16 -6.06 -4.28
C GLU A 62 -0.89 -6.98 -4.88
N LYS A 63 -1.45 -7.84 -4.05
CA LYS A 63 -2.50 -8.76 -4.47
C LYS A 63 -3.43 -8.98 -3.29
N ARG A 64 -4.72 -9.09 -3.57
CA ARG A 64 -5.69 -9.25 -2.50
C ARG A 64 -5.54 -10.63 -1.86
N GLY A 65 -5.66 -10.68 -0.53
CA GLY A 65 -5.60 -11.94 0.19
C GLY A 65 -4.32 -12.72 -0.01
N TYR A 66 -3.18 -12.05 0.19
CA TYR A 66 -1.89 -12.68 -0.06
C TYR A 66 -0.76 -12.12 0.83
N SER A 67 0.05 -13.04 1.35
CA SER A 67 1.25 -12.72 2.15
C SER A 67 1.09 -11.60 3.17
N GLY A 68 2.12 -10.76 3.23
CA GLY A 68 2.11 -9.64 4.16
C GLY A 68 2.53 -10.03 5.56
N VAL A 69 3.23 -9.11 6.21
CA VAL A 69 3.69 -9.33 7.57
C VAL A 69 3.48 -8.06 8.36
N ALA A 70 3.48 -8.18 9.69
CA ALA A 70 3.33 -7.01 10.53
C ALA A 70 4.08 -7.22 11.86
N VAL A 71 4.42 -6.12 12.52
CA VAL A 71 4.84 -6.18 13.92
C VAL A 71 4.07 -5.21 14.80
N TYR A 72 3.47 -5.75 15.86
CA TYR A 72 2.76 -4.98 16.87
C TYR A 72 3.64 -4.87 18.10
N SER A 73 3.67 -3.71 18.72
CA SER A 73 4.57 -3.44 19.85
C SER A 73 3.95 -2.55 20.93
N LYS A 74 3.92 -3.02 22.18
CA LYS A 74 3.42 -2.20 23.29
C LYS A 74 4.16 -0.88 23.37
N ARG A 75 5.26 -0.78 22.65
CA ARG A 75 6.08 0.44 22.66
C ARG A 75 6.20 1.03 21.27
N LYS A 76 6.46 2.33 21.22
CA LYS A 76 6.52 3.04 19.95
C LYS A 76 7.88 2.96 19.31
N PRO A 77 7.96 2.31 18.14
CA PRO A 77 9.21 2.17 17.39
C PRO A 77 9.77 3.54 17.02
N ASP A 78 10.95 3.89 17.52
CA ASP A 78 11.54 5.17 17.14
C ASP A 78 12.07 5.12 15.70
N ASN A 79 12.03 3.95 15.08
CA ASN A 79 12.15 3.87 13.63
C ASN A 79 11.52 2.61 13.08
N VAL A 80 11.19 2.65 11.79
CA VAL A 80 10.59 1.51 11.10
C VAL A 80 11.05 1.45 9.65
N GLN A 81 11.29 0.24 9.16
CA GLN A 81 11.60 0.05 7.75
C GLN A 81 10.71 -1.02 7.10
N ILE A 82 9.89 -0.58 6.15
CA ILE A 82 8.98 -1.46 5.43
C ILE A 82 9.61 -1.87 4.10
N GLY A 83 9.58 -3.17 3.80
CA GLY A 83 10.23 -3.69 2.62
C GLY A 83 11.74 -3.80 2.80
N MET A 84 12.37 -4.69 2.05
CA MET A 84 13.79 -4.98 2.26
C MET A 84 14.71 -4.35 1.22
N GLY A 85 14.25 -3.31 0.56
CA GLY A 85 15.11 -2.54 -0.32
C GLY A 85 15.27 -3.10 -1.72
N ILE A 86 14.56 -4.18 -2.02
CA ILE A 86 14.54 -4.71 -3.38
C ILE A 86 13.12 -5.10 -3.80
N GLU A 87 12.54 -4.28 -4.69
CA GLU A 87 11.12 -4.34 -5.03
C GLU A 87 10.60 -5.73 -5.41
N GLU A 88 11.39 -6.44 -6.22
CA GLU A 88 11.01 -7.76 -6.71
C GLU A 88 10.26 -8.61 -5.69
N PHE A 89 10.63 -8.47 -4.41
CA PHE A 89 9.96 -9.21 -3.33
C PHE A 89 9.04 -8.31 -2.50
N ASP A 90 9.42 -7.04 -2.36
CA ASP A 90 8.63 -6.06 -1.62
C ASP A 90 7.21 -5.96 -2.17
N ARG A 91 7.04 -6.41 -3.42
CA ARG A 91 5.71 -6.46 -4.03
C ARG A 91 4.82 -7.50 -3.36
N GLU A 92 5.44 -8.36 -2.56
CA GLU A 92 4.74 -9.46 -1.91
C GLU A 92 4.61 -9.29 -0.39
N GLY A 93 5.00 -8.12 0.13
CA GLY A 93 4.86 -7.82 1.54
C GLY A 93 5.41 -8.94 2.41
N ARG A 94 6.72 -8.93 2.58
CA ARG A 94 7.43 -10.11 3.06
C ARG A 94 8.42 -9.79 4.15
N PHE A 95 8.54 -8.50 4.48
CA PHE A 95 9.57 -8.06 5.40
C PHE A 95 9.20 -6.74 6.07
N VAL A 96 9.01 -6.77 7.39
CA VAL A 96 8.90 -5.52 8.13
C VAL A 96 9.95 -5.48 9.24
N ARG A 97 10.54 -4.30 9.47
CA ARG A 97 11.49 -4.14 10.57
C ARG A 97 11.15 -2.95 11.48
N CYS A 98 11.36 -3.10 12.78
CA CYS A 98 11.14 -2.03 13.75
C CYS A 98 12.31 -1.89 14.72
N ASP A 99 12.74 -0.64 14.93
CA ASP A 99 13.84 -0.34 15.82
C ASP A 99 13.37 0.42 17.05
N PHE A 100 13.55 -0.19 18.22
CA PHE A 100 13.26 0.44 19.50
C PHE A 100 14.57 0.69 20.26
N GLY A 101 15.30 1.72 19.83
CA GLY A 101 16.60 2.03 20.39
C GLY A 101 17.63 1.02 19.96
N ARG A 102 18.17 0.30 20.92
CA ARG A 102 19.21 -0.69 20.66
C ARG A 102 18.60 -1.94 20.03
N LEU A 103 17.32 -2.15 20.31
CA LEU A 103 16.61 -3.36 19.87
C LEU A 103 16.00 -3.20 18.49
N SER A 104 16.05 -4.28 17.71
CA SER A 104 15.34 -4.35 16.44
C SER A 104 14.65 -5.69 16.32
N VAL A 105 13.37 -5.67 16.01
CA VAL A 105 12.64 -6.90 15.77
C VAL A 105 12.14 -6.84 14.35
N ILE A 106 12.12 -7.97 13.67
CA ILE A 106 11.60 -7.97 12.32
C ILE A 106 10.72 -9.18 12.05
N SER A 107 9.65 -8.95 11.30
CA SER A 107 8.74 -10.02 10.89
C SER A 107 9.01 -10.38 9.45
N LEU A 108 9.20 -11.68 9.23
CA LEU A 108 9.64 -12.20 7.95
C LEU A 108 8.80 -13.39 7.52
N TYR A 109 8.41 -13.39 6.25
CA TYR A 109 7.68 -14.50 5.67
C TYR A 109 8.39 -14.97 4.42
N LEU A 110 9.39 -15.81 4.62
CA LEU A 110 10.17 -16.36 3.53
C LEU A 110 9.33 -17.20 2.57
N PRO A 111 9.50 -16.99 1.26
CA PRO A 111 8.71 -17.61 0.19
C PRO A 111 8.66 -19.13 0.27
N SER A 112 7.46 -19.69 0.18
CA SER A 112 7.30 -21.13 0.09
C SER A 112 7.42 -21.54 -1.37
N GLY A 113 8.29 -22.50 -1.64
CA GLY A 113 8.50 -22.95 -3.00
C GLY A 113 7.87 -24.29 -3.29
N SER A 114 6.86 -24.67 -2.50
CA SER A 114 6.29 -26.02 -2.58
C SER A 114 5.25 -26.16 -3.68
N SER A 115 4.55 -25.07 -3.97
CA SER A 115 3.48 -25.06 -4.96
C SER A 115 3.95 -25.38 -6.38
N ALA A 116 5.07 -24.80 -6.81
CA ALA A 116 5.59 -25.08 -8.14
C ALA A 116 7.02 -24.57 -8.35
N GLU A 117 7.55 -24.82 -9.55
CA GLU A 117 8.94 -24.57 -9.91
C GLU A 117 9.47 -23.16 -9.65
N GLU A 118 8.88 -22.20 -10.35
CA GLU A 118 9.34 -20.82 -10.30
C GLU A 118 9.31 -20.32 -8.87
N ARG A 119 8.41 -20.89 -8.07
CA ARG A 119 8.34 -20.53 -6.66
C ARG A 119 9.62 -20.97 -5.94
N GLN A 120 10.06 -22.20 -6.22
CA GLN A 120 11.34 -22.67 -5.68
C GLN A 120 12.47 -21.74 -6.11
N GLN A 121 12.50 -21.41 -7.39
CA GLN A 121 13.52 -20.48 -7.90
C GLN A 121 13.53 -19.16 -7.12
N VAL A 122 12.36 -18.53 -7.04
CA VAL A 122 12.19 -17.29 -6.30
C VAL A 122 12.69 -17.44 -4.87
N LYS A 123 12.39 -18.58 -4.26
CA LYS A 123 12.83 -18.85 -2.91
C LYS A 123 14.36 -18.78 -2.86
N TYR A 124 15.01 -19.43 -3.81
CA TYR A 124 16.48 -19.40 -3.85
C TYR A 124 17.02 -17.98 -4.02
N ARG A 125 16.44 -17.23 -4.95
CA ARG A 125 16.89 -15.87 -5.19
C ARG A 125 16.70 -15.02 -3.94
N PHE A 126 15.60 -15.27 -3.23
CA PHE A 126 15.29 -14.60 -1.98
C PHE A 126 16.37 -14.88 -0.94
N LEU A 127 16.76 -16.15 -0.81
CA LEU A 127 17.86 -16.51 0.09
C LEU A 127 19.13 -15.76 -0.30
N ASP A 128 19.37 -15.68 -1.61
CA ASP A 128 20.53 -14.99 -2.15
C ASP A 128 20.58 -13.53 -1.71
N ALA A 129 19.48 -12.83 -1.90
CA ALA A 129 19.40 -11.41 -1.57
C ALA A 129 19.42 -11.21 -0.06
N PHE A 130 18.85 -12.17 0.66
CA PHE A 130 18.65 -12.03 2.09
C PHE A 130 19.94 -12.24 2.89
N TYR A 131 20.71 -13.25 2.51
CA TYR A 131 21.93 -13.57 3.22
C TYR A 131 22.84 -12.34 3.48
N PRO A 132 23.08 -11.52 2.45
CA PRO A 132 23.92 -10.32 2.59
C PRO A 132 23.43 -9.35 3.67
N MET A 133 22.12 -9.18 3.77
CA MET A 133 21.57 -8.27 4.77
C MET A 133 21.46 -8.93 6.15
N LEU A 134 21.39 -10.26 6.17
CA LEU A 134 21.46 -10.99 7.43
C LEU A 134 22.85 -10.72 8.00
N GLU A 135 23.83 -10.74 7.09
CA GLU A 135 25.22 -10.47 7.44
C GLU A 135 25.39 -9.02 7.90
N ALA A 136 24.90 -8.07 7.11
CA ALA A 136 25.00 -6.67 7.47
C ALA A 136 24.36 -6.40 8.84
N MET A 137 23.19 -7.01 9.08
CA MET A 137 22.48 -6.88 10.34
C MET A 137 23.32 -7.42 11.48
N LYS A 138 23.90 -8.60 11.26
CA LYS A 138 24.84 -9.19 12.22
C LYS A 138 25.92 -8.17 12.55
N ASN A 139 26.39 -7.45 11.54
CA ASN A 139 27.49 -6.50 11.70
C ASN A 139 27.07 -5.16 12.32
N GLU A 140 25.77 -4.88 12.33
CA GLU A 140 25.28 -3.63 12.91
C GLU A 140 25.77 -3.41 14.34
N GLY A 141 26.00 -4.50 15.05
CA GLY A 141 26.49 -4.41 16.42
C GLY A 141 25.40 -3.96 17.37
N ARG A 142 24.28 -4.67 17.32
CA ARG A 142 23.15 -4.37 18.19
C ARG A 142 22.27 -5.61 18.36
N ASP A 143 21.22 -5.46 19.17
CA ASP A 143 20.32 -6.57 19.47
C ASP A 143 19.21 -6.70 18.44
N ILE A 144 19.19 -7.82 17.72
CA ILE A 144 18.25 -8.03 16.62
C ILE A 144 17.60 -9.42 16.68
N VAL A 145 16.28 -9.44 16.65
CA VAL A 145 15.53 -10.70 16.52
C VAL A 145 14.83 -10.71 15.17
N VAL A 146 15.20 -11.65 14.30
CA VAL A 146 14.49 -11.85 13.05
C VAL A 146 13.59 -13.06 13.22
N CYS A 147 12.30 -12.82 13.42
CA CYS A 147 11.38 -13.94 13.59
C CYS A 147 10.39 -14.09 12.44
N GLY A 148 9.86 -15.29 12.30
CA GLY A 148 8.86 -15.53 11.29
C GLY A 148 8.90 -16.92 10.68
N ASP A 149 8.24 -17.05 9.54
CA ASP A 149 8.16 -18.31 8.82
C ASP A 149 9.30 -18.40 7.81
N TRP A 150 10.35 -19.11 8.20
CA TRP A 150 11.53 -19.26 7.36
C TRP A 150 11.35 -20.32 6.28
N ASN A 151 10.28 -21.10 6.41
CA ASN A 151 9.94 -22.14 5.45
C ASN A 151 11.05 -23.14 5.16
N ILE A 152 11.96 -23.30 6.11
CA ILE A 152 13.03 -24.31 6.01
C ILE A 152 13.25 -25.03 7.33
N ALA A 153 13.01 -26.34 7.34
CA ALA A 153 13.39 -27.18 8.47
C ALA A 153 14.90 -27.45 8.43
N HIS A 154 15.58 -27.25 9.56
CA HIS A 154 17.05 -27.33 9.58
C HIS A 154 17.61 -28.76 9.53
N GLN A 155 17.20 -29.60 10.48
CA GLN A 155 17.72 -30.95 10.59
C GLN A 155 16.64 -32.01 10.75
N ASN A 156 17.06 -33.26 10.78
CA ASN A 156 16.14 -34.39 10.88
C ASN A 156 15.19 -34.24 12.06
N ILE A 157 15.69 -33.67 13.15
CA ILE A 157 14.91 -33.55 14.37
C ILE A 157 13.83 -32.47 14.22
N ASP A 158 13.96 -31.66 13.18
CA ASP A 158 13.06 -30.53 12.95
C ASP A 158 11.80 -30.90 12.16
N LEU A 159 11.60 -32.19 11.86
CA LEU A 159 10.36 -32.66 11.23
C LEU A 159 10.19 -34.18 11.32
N LYS A 160 9.00 -34.60 11.74
CA LYS A 160 8.67 -36.02 11.93
C LYS A 160 9.12 -36.93 10.79
N ASN A 161 8.75 -36.58 9.56
CA ASN A 161 9.06 -37.41 8.41
C ASN A 161 10.24 -36.90 7.60
N TRP A 162 11.39 -36.77 8.25
CA TRP A 162 12.59 -36.29 7.56
C TRP A 162 13.01 -37.24 6.43
N LYS A 163 12.75 -38.52 6.58
CA LYS A 163 13.13 -39.50 5.57
C LYS A 163 12.51 -39.18 4.19
N GLY A 164 11.19 -39.17 4.13
CA GLY A 164 10.50 -39.01 2.86
C GLY A 164 10.33 -37.58 2.35
N ASN A 165 10.85 -36.62 3.10
CA ASN A 165 10.70 -35.21 2.73
C ASN A 165 11.98 -34.55 2.24
N GLN A 166 12.98 -35.35 1.90
CA GLN A 166 14.26 -34.82 1.46
C GLN A 166 14.25 -34.36 0.00
N LYS A 167 13.11 -34.55 -0.65
CA LYS A 167 12.94 -34.12 -2.03
C LYS A 167 11.82 -33.11 -2.17
N ASN A 168 11.27 -32.68 -1.04
CA ASN A 168 10.21 -31.68 -1.01
C ASN A 168 10.76 -30.31 -0.62
N SER A 169 10.14 -29.25 -1.12
CA SER A 169 10.53 -27.91 -0.72
C SER A 169 10.37 -27.79 0.79
N GLY A 170 11.38 -27.22 1.45
CA GLY A 170 11.35 -27.07 2.89
C GLY A 170 12.42 -27.88 3.59
N PHE A 171 12.90 -28.92 2.91
CA PHE A 171 13.88 -29.82 3.50
C PHE A 171 14.89 -30.34 2.47
N LEU A 172 15.08 -29.57 1.39
CA LEU A 172 16.11 -29.88 0.42
C LEU A 172 17.48 -29.55 1.00
N PRO A 173 18.52 -30.25 0.54
CA PRO A 173 19.89 -30.06 1.05
C PRO A 173 20.37 -28.61 0.94
N GLU A 174 20.07 -27.93 -0.16
CA GLU A 174 20.49 -26.54 -0.34
C GLU A 174 19.95 -25.63 0.76
N GLU A 175 18.67 -25.81 1.08
CA GLU A 175 18.00 -24.99 2.07
C GLU A 175 18.61 -25.20 3.45
N ARG A 176 18.63 -26.46 3.89
CA ARG A 176 19.28 -26.83 5.15
C ARG A 176 20.68 -26.25 5.21
N GLU A 177 21.41 -26.32 4.10
CA GLU A 177 22.74 -25.73 4.02
C GLU A 177 22.74 -24.22 4.26
N TRP A 178 21.81 -23.53 3.61
CA TRP A 178 21.70 -22.09 3.76
C TRP A 178 21.50 -21.75 5.24
N ILE A 179 20.43 -22.31 5.82
CA ILE A 179 20.18 -22.13 7.24
C ILE A 179 21.45 -22.36 8.07
N GLY A 180 22.10 -23.50 7.84
CA GLY A 180 23.36 -23.83 8.47
C GLY A 180 24.38 -22.70 8.40
N LYS A 181 24.58 -22.15 7.21
CA LYS A 181 25.49 -21.03 7.04
C LYS A 181 25.08 -19.81 7.87
N VAL A 182 23.80 -19.41 7.80
CA VAL A 182 23.34 -18.25 8.57
C VAL A 182 23.51 -18.46 10.09
N ILE A 183 23.45 -19.71 10.53
CA ILE A 183 23.62 -20.01 11.95
C ILE A 183 25.09 -20.08 12.33
N HIS A 184 25.90 -20.76 11.50
CA HIS A 184 27.31 -21.01 11.82
C HIS A 184 28.28 -20.01 11.18
N LYS A 185 28.30 -19.97 9.85
CA LYS A 185 29.17 -19.03 9.13
C LYS A 185 28.83 -17.56 9.45
N LEU A 186 27.60 -17.31 9.88
CA LEU A 186 27.17 -15.94 10.17
C LEU A 186 26.98 -15.65 11.64
N GLY A 187 26.73 -16.69 12.43
CA GLY A 187 26.67 -16.55 13.87
C GLY A 187 25.32 -16.23 14.48
N TRP A 188 24.27 -16.41 13.70
CA TRP A 188 22.91 -16.20 14.20
C TRP A 188 22.51 -17.38 15.07
N THR A 189 21.85 -17.09 16.18
CA THR A 189 21.34 -18.13 17.07
C THR A 189 19.90 -18.56 16.74
N ASP A 190 19.73 -19.84 16.41
CA ASP A 190 18.40 -20.44 16.29
C ASP A 190 17.89 -20.69 17.70
N MET A 191 17.25 -19.66 18.27
CA MET A 191 16.93 -19.62 19.68
C MET A 191 16.34 -20.89 20.29
N TRP A 192 15.37 -21.49 19.62
CA TRP A 192 14.69 -22.68 20.16
C TRP A 192 15.64 -23.86 20.32
N ARG A 193 16.36 -24.19 19.25
CA ARG A 193 17.26 -25.34 19.22
C ARG A 193 18.38 -25.15 20.24
N THR A 194 18.89 -23.93 20.29
CA THR A 194 19.91 -23.54 21.25
C THR A 194 19.43 -23.61 22.69
N LEU A 195 18.11 -23.49 22.88
CA LEU A 195 17.54 -23.48 24.22
C LEU A 195 17.17 -24.89 24.70
N TYR A 196 16.74 -25.73 23.76
CA TYR A 196 16.32 -27.09 24.03
C TYR A 196 16.79 -27.98 22.89
N PRO A 197 18.04 -28.44 22.96
CA PRO A 197 18.68 -29.15 21.84
C PRO A 197 18.02 -30.47 21.46
N ASP A 198 17.11 -30.98 22.29
CA ASP A 198 16.57 -32.31 22.07
C ASP A 198 15.08 -32.35 21.76
N VAL A 199 14.38 -31.25 22.04
CA VAL A 199 12.94 -31.18 21.77
C VAL A 199 12.68 -30.69 20.34
N PRO A 200 11.88 -31.45 19.58
CA PRO A 200 11.58 -31.07 18.19
C PRO A 200 10.98 -29.66 18.08
N GLY A 201 9.82 -29.45 18.72
CA GLY A 201 9.22 -28.13 18.76
C GLY A 201 8.63 -27.70 17.43
N TYR A 202 7.87 -28.59 16.82
CA TYR A 202 7.19 -28.29 15.57
C TYR A 202 6.32 -27.03 15.75
N THR A 203 6.10 -26.32 14.64
CA THR A 203 5.31 -25.09 14.64
C THR A 203 4.25 -25.13 13.54
N TRP A 204 4.29 -26.18 12.71
CA TRP A 204 3.40 -26.31 11.58
C TRP A 204 3.00 -27.76 11.32
N TRP A 205 1.77 -27.95 10.88
CA TRP A 205 1.30 -29.26 10.45
C TRP A 205 0.42 -29.11 9.21
N SER A 206 0.76 -29.84 8.16
CA SER A 206 -0.06 -29.91 6.96
C SER A 206 -1.49 -30.29 7.32
N ASN A 207 -2.43 -29.83 6.49
CA ASN A 207 -3.86 -30.12 6.65
C ASN A 207 -4.20 -31.50 6.12
N ARG A 208 -3.22 -32.13 5.47
CA ARG A 208 -3.39 -33.48 4.93
C ARG A 208 -3.56 -34.52 6.04
N GLY A 209 -4.25 -35.60 5.72
CA GLY A 209 -4.48 -36.68 6.67
C GLY A 209 -4.83 -36.20 8.07
N GLN A 210 -4.15 -36.76 9.06
CA GLN A 210 -4.36 -36.35 10.44
C GLN A 210 -3.07 -35.82 11.03
N ALA A 211 -2.29 -35.13 10.20
CA ALA A 211 -0.99 -34.62 10.61
C ALA A 211 -1.03 -33.91 11.96
N TYR A 212 -2.04 -33.05 12.18
CA TYR A 212 -2.06 -32.26 13.41
C TYR A 212 -2.31 -33.14 14.64
N ALA A 213 -3.11 -34.18 14.46
CA ALA A 213 -3.44 -35.09 15.55
C ALA A 213 -2.27 -36.00 15.91
N LYS A 214 -1.68 -36.62 14.89
CA LYS A 214 -0.55 -37.52 15.09
C LYS A 214 0.77 -36.76 15.31
N ASP A 215 0.66 -35.43 15.43
CA ASP A 215 1.82 -34.56 15.62
C ASP A 215 2.88 -34.79 14.54
N VAL A 216 2.43 -34.93 13.29
CA VAL A 216 3.35 -35.07 12.16
C VAL A 216 3.67 -33.68 11.62
N GLY A 217 4.62 -33.00 12.25
CA GLY A 217 4.85 -31.61 11.96
C GLY A 217 6.24 -31.21 11.49
N TRP A 218 6.43 -29.90 11.35
CA TRP A 218 7.70 -29.28 10.98
C TRP A 218 7.97 -28.11 11.90
N ARG A 219 9.24 -27.85 12.17
CA ARG A 219 9.62 -26.62 12.86
C ARG A 219 10.21 -25.66 11.85
N ILE A 220 9.34 -24.88 11.21
CA ILE A 220 9.76 -23.96 10.17
C ILE A 220 9.61 -22.50 10.61
N ASP A 221 9.15 -22.29 11.84
CA ASP A 221 9.03 -20.94 12.38
C ASP A 221 10.17 -20.68 13.36
N TYR A 222 10.99 -19.68 13.06
CA TYR A 222 12.14 -19.42 13.92
C TYR A 222 12.11 -18.06 14.56
N GLN A 223 12.88 -17.94 15.63
CA GLN A 223 13.35 -16.66 16.13
C GLN A 223 14.88 -16.65 16.11
N MET A 224 15.46 -16.04 15.06
CA MET A 224 16.92 -15.97 14.94
C MET A 224 17.46 -14.74 15.65
N VAL A 225 18.32 -14.95 16.63
CA VAL A 225 18.75 -13.85 17.48
C VAL A 225 20.26 -13.63 17.49
N THR A 226 20.67 -12.38 17.74
CA THR A 226 22.09 -12.07 17.86
C THR A 226 22.63 -12.53 19.21
N PRO A 227 23.91 -12.97 19.23
CA PRO A 227 24.69 -13.51 20.35
C PRO A 227 24.39 -12.91 21.73
N GLU A 228 24.62 -11.61 21.91
CA GLU A 228 24.46 -10.98 23.21
C GLU A 228 23.04 -11.15 23.74
N LEU A 229 22.05 -10.79 22.93
CA LEU A 229 20.64 -10.98 23.28
C LEU A 229 20.29 -12.45 23.45
N ALA A 230 20.78 -13.30 22.54
CA ALA A 230 20.53 -14.73 22.60
C ALA A 230 20.88 -15.28 23.96
N ALA A 231 22.07 -14.93 24.43
CA ALA A 231 22.55 -15.38 25.73
C ALA A 231 21.59 -15.00 26.84
N LYS A 232 20.85 -13.92 26.62
CA LYS A 232 19.91 -13.43 27.62
C LYS A 232 18.58 -14.18 27.59
N ALA A 233 18.42 -15.05 26.59
CA ALA A 233 17.24 -15.90 26.48
C ALA A 233 17.04 -16.70 27.77
N VAL A 234 15.80 -16.86 28.19
CA VAL A 234 15.51 -17.61 29.39
C VAL A 234 14.46 -18.68 29.16
N SER A 235 13.46 -18.39 28.33
CA SER A 235 12.42 -19.41 28.14
C SER A 235 11.86 -19.41 26.74
N ALA A 236 11.23 -20.51 26.35
CA ALA A 236 10.51 -20.54 25.08
C ALA A 236 9.47 -21.65 25.09
N HIS A 237 8.37 -21.44 24.37
CA HIS A 237 7.45 -22.55 24.12
C HIS A 237 6.53 -22.30 22.93
N VAL A 238 6.04 -23.41 22.37
CA VAL A 238 5.08 -23.37 21.29
C VAL A 238 3.66 -23.40 21.86
N TYR A 239 2.93 -22.31 21.70
CA TYR A 239 1.58 -22.21 22.26
C TYR A 239 0.61 -23.07 21.46
N LYS A 240 -0.04 -24.01 22.12
CA LYS A 240 -0.81 -25.00 21.38
C LYS A 240 -2.20 -25.24 21.97
N ASP A 241 -2.54 -24.46 23.01
CA ASP A 241 -3.84 -24.56 23.68
C ASP A 241 -5.02 -24.25 22.75
N GLU A 242 -4.94 -23.11 22.06
CA GLU A 242 -5.90 -22.77 21.02
C GLU A 242 -5.20 -22.84 19.66
N LYS A 243 -5.97 -23.09 18.61
CA LYS A 243 -5.44 -23.18 17.26
C LYS A 243 -5.98 -22.03 16.42
N PHE A 244 -5.12 -21.07 16.11
CA PHE A 244 -5.51 -19.89 15.33
C PHE A 244 -5.19 -20.06 13.86
N SER A 245 -4.45 -21.12 13.55
CA SER A 245 -3.87 -21.27 12.23
C SER A 245 -3.34 -22.69 12.04
N ASP A 246 -2.79 -22.97 10.86
CA ASP A 246 -2.11 -24.24 10.63
C ASP A 246 -0.68 -24.18 11.16
N HIS A 247 -0.25 -22.97 11.54
CA HIS A 247 0.96 -22.78 12.34
C HIS A 247 0.57 -22.58 13.80
N ALA A 248 1.57 -22.58 14.68
CA ALA A 248 1.36 -22.30 16.09
C ALA A 248 2.29 -21.17 16.50
N PRO A 249 1.83 -20.32 17.43
CA PRO A 249 2.67 -19.18 17.85
C PRO A 249 3.90 -19.66 18.62
N LEU A 250 5.07 -19.15 18.26
CA LEU A 250 6.32 -19.46 18.96
C LEU A 250 6.69 -18.31 19.89
N VAL A 251 6.67 -18.57 21.19
CA VAL A 251 6.95 -17.50 22.15
C VAL A 251 8.30 -17.69 22.82
N VAL A 252 9.07 -16.61 22.88
CA VAL A 252 10.37 -16.62 23.54
C VAL A 252 10.50 -15.47 24.52
N GLU A 253 11.02 -15.75 25.70
CA GLU A 253 11.21 -14.72 26.72
C GLU A 253 12.69 -14.51 26.96
N TYR A 254 13.07 -13.23 26.97
CA TYR A 254 14.44 -12.78 27.22
C TYR A 254 14.49 -11.90 28.48
N ASP A 255 15.50 -12.12 29.30
CA ASP A 255 15.76 -11.21 30.42
C ASP A 255 16.55 -10.02 29.90
N TYR A 256 15.84 -8.91 29.69
CA TYR A 256 16.37 -7.79 28.93
C TYR A 256 15.49 -6.57 29.25
N ALA A 257 16.10 -5.39 29.30
CA ALA A 257 15.34 -4.17 29.56
C ALA A 257 15.86 -2.99 28.73
N MET B 1 -22.42 -3.58 29.01
CA MET B 1 -22.02 -3.27 27.63
C MET B 1 -22.69 -1.99 27.10
N LEU B 2 -21.88 -0.97 26.80
CA LEU B 2 -22.40 0.37 26.47
C LEU B 2 -21.84 0.90 25.15
N LYS B 3 -22.72 1.27 24.22
CA LYS B 3 -22.26 1.81 22.94
C LYS B 3 -22.70 3.27 22.66
N ILE B 4 -21.73 4.17 22.51
CA ILE B 4 -22.02 5.59 22.26
C ILE B 4 -21.58 6.03 20.88
N ILE B 5 -22.50 6.67 20.17
CA ILE B 5 -22.21 7.18 18.84
C ILE B 5 -22.29 8.70 18.80
N SER B 6 -21.36 9.33 18.10
CA SER B 6 -21.39 10.77 17.93
C SER B 6 -21.38 11.08 16.44
N ALA B 7 -22.37 11.84 16.00
CA ALA B 7 -22.54 12.14 14.59
C ALA B 7 -23.01 13.58 14.31
N ASN B 8 -22.18 14.32 13.60
CA ASN B 8 -22.58 15.57 12.99
C ASN B 8 -23.35 15.18 11.73
N VAL B 9 -24.68 15.37 11.76
CA VAL B 9 -25.55 14.85 10.70
C VAL B 9 -25.68 15.80 9.50
N ASN B 10 -25.24 17.04 9.69
CA ASN B 10 -25.33 18.04 8.65
C ASN B 10 -26.75 18.19 8.13
N GLY B 11 -27.66 18.53 9.04
CA GLY B 11 -29.07 18.52 8.73
C GLY B 11 -29.72 17.23 9.15
N ILE B 12 -30.34 17.24 10.33
CA ILE B 12 -31.08 16.10 10.83
C ILE B 12 -32.08 15.60 9.78
N ARG B 13 -32.67 16.52 9.02
CA ARG B 13 -33.64 16.14 8.02
C ARG B 13 -32.94 15.47 6.84
N SER B 14 -31.89 16.10 6.35
CA SER B 14 -31.09 15.52 5.27
C SER B 14 -30.68 14.10 5.64
N ALA B 15 -30.12 13.96 6.84
CA ALA B 15 -29.68 12.67 7.35
C ALA B 15 -30.82 11.66 7.39
N TYR B 16 -31.97 12.06 7.90
CA TYR B 16 -33.11 11.16 7.91
C TYR B 16 -33.48 10.71 6.49
N LYS B 17 -33.37 11.61 5.52
CA LYS B 17 -33.56 11.25 4.12
C LYS B 17 -32.49 10.29 3.59
N LYS B 18 -31.31 10.29 4.19
CA LYS B 18 -30.25 9.40 3.70
C LYS B 18 -30.11 8.06 4.46
N GLY B 19 -31.02 7.80 5.39
CA GLY B 19 -31.10 6.50 6.05
C GLY B 19 -30.49 6.44 7.44
N PHE B 20 -30.41 7.60 8.09
CA PHE B 20 -29.81 7.71 9.40
C PHE B 20 -30.76 7.18 10.47
N TYR B 21 -32.06 7.37 10.26
CA TYR B 21 -33.05 6.92 11.24
C TYR B 21 -32.95 5.42 11.47
N GLU B 22 -32.77 4.67 10.39
CA GLU B 22 -32.63 3.22 10.47
C GLU B 22 -31.31 2.86 11.12
N TYR B 23 -30.27 3.61 10.79
CA TYR B 23 -28.96 3.36 11.37
C TYR B 23 -29.01 3.51 12.88
N ILE B 24 -29.79 4.48 13.37
CA ILE B 24 -29.89 4.70 14.80
C ILE B 24 -30.21 3.40 15.56
N ALA B 25 -30.99 2.54 14.94
CA ALA B 25 -31.40 1.30 15.57
C ALA B 25 -30.52 0.12 15.17
N ALA B 26 -30.07 0.10 13.93
CA ALA B 26 -29.25 -1.01 13.45
C ALA B 26 -27.91 -1.02 14.18
N SER B 27 -27.40 0.16 14.49
CA SER B 27 -26.12 0.31 15.17
C SER B 27 -26.07 -0.36 16.54
N GLY B 28 -27.23 -0.55 17.16
CA GLY B 28 -27.27 -1.09 18.52
C GLY B 28 -27.00 -0.03 19.56
N ALA B 29 -26.62 1.16 19.10
CA ALA B 29 -26.28 2.27 19.99
C ALA B 29 -27.24 2.45 21.14
N ASP B 30 -26.69 2.57 22.34
CA ASP B 30 -27.49 2.84 23.54
C ASP B 30 -27.70 4.34 23.70
N ILE B 31 -26.76 5.11 23.20
CA ILE B 31 -26.85 6.57 23.24
C ILE B 31 -26.29 7.16 21.96
N VAL B 32 -27.03 8.07 21.35
CA VAL B 32 -26.53 8.79 20.18
C VAL B 32 -26.46 10.30 20.41
N CYS B 33 -25.32 10.88 20.04
CA CYS B 33 -25.11 12.31 20.15
C CYS B 33 -25.03 12.94 18.79
N VAL B 34 -25.89 13.91 18.55
CA VAL B 34 -25.99 14.52 17.24
C VAL B 34 -25.69 16.01 17.28
N GLN B 35 -25.04 16.51 16.23
CA GLN B 35 -24.75 17.93 16.06
C GLN B 35 -25.13 18.39 14.65
N GLU B 36 -25.26 19.70 14.48
CA GLU B 36 -25.75 20.30 13.23
C GLU B 36 -27.14 19.79 12.81
N LEU B 37 -28.10 19.90 13.73
CA LEU B 37 -29.49 19.62 13.43
C LEU B 37 -29.98 20.39 12.20
N LYS B 38 -29.61 21.66 12.11
CA LYS B 38 -30.11 22.56 11.08
C LYS B 38 -31.64 22.59 11.15
N ALA B 39 -32.16 22.87 12.34
CA ALA B 39 -33.60 22.80 12.59
C ALA B 39 -33.93 23.27 14.00
N GLN B 40 -35.18 23.69 14.20
CA GLN B 40 -35.66 24.09 15.51
C GLN B 40 -36.74 23.13 15.97
N GLU B 41 -37.11 23.23 17.24
CA GLU B 41 -38.07 22.29 17.83
C GLU B 41 -39.29 22.05 16.93
N ALA B 42 -39.74 23.12 16.29
CA ALA B 42 -40.92 23.08 15.43
C ALA B 42 -40.71 22.19 14.20
N ASP B 43 -39.53 22.31 13.58
CA ASP B 43 -39.22 21.56 12.37
C ASP B 43 -39.01 20.06 12.66
N LEU B 44 -39.04 19.70 13.93
CA LEU B 44 -38.71 18.33 14.33
C LEU B 44 -39.88 17.36 14.33
N SER B 45 -39.83 16.39 13.41
CA SER B 45 -40.70 15.22 13.44
C SER B 45 -40.62 14.56 14.81
N ALA B 46 -41.61 13.73 15.15
CA ALA B 46 -41.57 13.03 16.43
C ALA B 46 -40.54 11.90 16.37
N ASP B 47 -40.27 11.44 15.16
CA ASP B 47 -39.25 10.41 14.95
C ASP B 47 -37.84 11.01 15.05
N MET B 48 -37.77 12.33 14.99
CA MET B 48 -36.50 13.02 15.14
C MET B 48 -36.38 13.58 16.55
N LYS B 49 -37.20 13.08 17.45
CA LYS B 49 -37.17 13.55 18.85
C LYS B 49 -37.12 12.37 19.81
N ASN B 50 -37.75 11.28 19.40
CA ASN B 50 -37.78 10.05 20.17
C ASN B 50 -37.60 8.87 19.22
N PRO B 51 -36.48 8.84 18.49
CA PRO B 51 -36.23 7.79 17.49
C PRO B 51 -36.35 6.42 18.12
N HIS B 52 -37.13 5.53 17.53
CA HIS B 52 -37.33 4.17 18.04
C HIS B 52 -37.71 4.10 19.52
N GLY B 53 -38.37 5.14 20.01
CA GLY B 53 -38.84 5.16 21.39
C GLY B 53 -37.75 5.52 22.38
N MET B 54 -36.60 5.94 21.86
CA MET B 54 -35.53 6.44 22.70
C MET B 54 -35.96 7.78 23.27
N HIS B 55 -35.37 8.16 24.39
CA HIS B 55 -35.57 9.52 24.91
C HIS B 55 -34.70 10.47 24.08
N GLY B 56 -34.98 11.76 24.17
CA GLY B 56 -34.26 12.72 23.36
C GLY B 56 -34.30 14.10 23.97
N HIS B 57 -33.17 14.81 23.90
CA HIS B 57 -33.11 16.18 24.40
C HIS B 57 -32.25 17.05 23.51
N TRP B 58 -32.75 18.23 23.19
CA TRP B 58 -32.10 19.06 22.19
C TRP B 58 -31.93 20.49 22.65
N HIS B 59 -31.15 21.24 21.89
CA HIS B 59 -30.90 22.64 22.14
C HIS B 59 -30.70 23.28 20.79
N CYS B 60 -31.70 24.01 20.31
CA CYS B 60 -31.66 24.55 18.95
C CYS B 60 -31.29 26.03 18.90
N ALA B 61 -30.79 26.46 17.74
CA ALA B 61 -30.34 27.84 17.60
C ALA B 61 -31.52 28.82 17.42
N GLU B 62 -31.30 30.08 17.76
CA GLU B 62 -32.33 31.11 17.56
C GLU B 62 -32.36 31.56 16.11
N LYS B 63 -32.08 30.65 15.20
CA LYS B 63 -32.10 30.92 13.76
C LYS B 63 -32.54 29.66 13.06
N ARG B 64 -33.33 29.82 12.00
CA ARG B 64 -33.84 28.66 11.28
C ARG B 64 -32.71 27.97 10.53
N GLY B 65 -32.72 26.64 10.54
CA GLY B 65 -31.72 25.85 9.82
C GLY B 65 -30.28 26.12 10.22
N TYR B 66 -30.02 26.07 11.53
CA TYR B 66 -28.70 26.39 12.05
C TYR B 66 -28.35 25.64 13.35
N SER B 67 -27.11 25.13 13.39
CA SER B 67 -26.54 24.47 14.56
C SER B 67 -27.45 23.50 15.28
N GLY B 68 -27.39 23.55 16.61
CA GLY B 68 -28.22 22.68 17.43
C GLY B 68 -27.63 21.30 17.61
N VAL B 69 -27.84 20.75 18.80
CA VAL B 69 -27.33 19.44 19.13
C VAL B 69 -28.40 18.70 19.89
N ALA B 70 -28.28 17.37 19.98
CA ALA B 70 -29.23 16.59 20.74
C ALA B 70 -28.56 15.34 21.26
N VAL B 71 -29.15 14.74 22.29
CA VAL B 71 -28.77 13.39 22.69
C VAL B 71 -30.01 12.49 22.86
N TYR B 72 -29.98 11.35 22.18
CA TYR B 72 -31.01 10.32 22.25
C TYR B 72 -30.48 9.18 23.10
N SER B 73 -31.33 8.61 23.96
CA SER B 73 -30.89 7.58 24.90
C SER B 73 -31.95 6.51 25.15
N LYS B 74 -31.60 5.25 24.93
CA LYS B 74 -32.51 4.14 25.23
C LYS B 74 -33.00 4.21 26.67
N ARG B 75 -32.34 5.03 27.48
CA ARG B 75 -32.71 5.13 28.89
C ARG B 75 -33.10 6.54 29.25
N LYS B 76 -33.89 6.69 30.30
CA LYS B 76 -34.41 8.00 30.69
C LYS B 76 -33.44 8.75 31.58
N PRO B 77 -32.95 9.89 31.09
CA PRO B 77 -32.03 10.75 31.85
C PRO B 77 -32.67 11.22 33.14
N ASP B 78 -32.15 10.82 34.30
CA ASP B 78 -32.68 11.33 35.55
C ASP B 78 -32.28 12.80 35.79
N ASN B 79 -31.41 13.32 34.93
CA ASN B 79 -31.33 14.77 34.80
C ASN B 79 -30.84 15.23 33.42
N VAL B 80 -31.12 16.49 33.09
CA VAL B 80 -30.70 17.07 31.82
C VAL B 80 -30.38 18.55 31.99
N GLN B 81 -29.33 19.01 31.31
CA GLN B 81 -29.01 20.43 31.27
C GLN B 81 -28.83 20.93 29.85
N ILE B 82 -29.73 21.81 29.43
CA ILE B 82 -29.69 22.41 28.11
C ILE B 82 -28.97 23.77 28.18
N GLY B 83 -28.04 24.00 27.26
CA GLY B 83 -27.24 25.22 27.27
C GLY B 83 -26.16 25.17 28.33
N MET B 84 -25.08 25.92 28.12
CA MET B 84 -23.91 25.80 29.00
C MET B 84 -23.78 26.94 30.01
N GLY B 85 -24.88 27.62 30.30
CA GLY B 85 -24.90 28.62 31.36
C GLY B 85 -24.41 30.00 30.96
N ILE B 86 -24.08 30.19 29.69
CA ILE B 86 -23.72 31.51 29.18
C ILE B 86 -24.39 31.78 27.84
N GLU B 87 -25.40 32.65 27.87
CA GLU B 87 -26.30 32.87 26.75
C GLU B 87 -25.63 33.14 25.40
N GLU B 88 -24.61 33.98 25.42
CA GLU B 88 -23.89 34.37 24.21
C GLU B 88 -23.72 33.22 23.20
N PHE B 89 -23.56 32.01 23.69
CA PHE B 89 -23.44 30.83 22.82
C PHE B 89 -24.71 29.99 22.81
N ASP B 90 -25.39 29.94 23.95
CA ASP B 90 -26.62 29.17 24.08
C ASP B 90 -27.65 29.61 23.04
N ARG B 91 -27.45 30.81 22.49
CA ARG B 91 -28.32 31.31 21.43
C ARG B 91 -28.13 30.50 20.15
N GLU B 92 -27.05 29.71 20.12
CA GLU B 92 -26.68 28.95 18.93
C GLU B 92 -26.88 27.44 19.09
N GLY B 93 -27.47 27.03 20.20
CA GLY B 93 -27.78 25.62 20.42
C GLY B 93 -26.57 24.73 20.16
N ARG B 94 -25.68 24.69 21.15
CA ARG B 94 -24.32 24.21 20.94
C ARG B 94 -23.88 23.21 22.00
N PHE B 95 -24.76 22.93 22.96
CA PHE B 95 -24.38 22.15 24.13
C PHE B 95 -25.59 21.53 24.79
N VAL B 96 -25.68 20.20 24.76
CA VAL B 96 -26.67 19.51 25.59
C VAL B 96 -25.99 18.51 26.49
N ARG B 97 -26.47 18.39 27.73
CA ARG B 97 -25.92 17.38 28.66
C ARG B 97 -27.02 16.51 29.29
N CYS B 98 -26.74 15.21 29.45
CA CYS B 98 -27.66 14.31 30.12
C CYS B 98 -26.97 13.45 31.18
N ASP B 99 -27.59 13.35 32.35
CA ASP B 99 -27.07 12.56 33.46
C ASP B 99 -27.94 11.35 33.73
N PHE B 100 -27.34 10.15 33.59
CA PHE B 100 -27.97 8.89 33.92
C PHE B 100 -27.27 8.27 35.11
N GLY B 101 -27.55 8.81 36.29
CA GLY B 101 -26.92 8.36 37.51
C GLY B 101 -25.48 8.84 37.56
N ARG B 102 -24.55 7.88 37.58
CA ARG B 102 -23.13 8.19 37.66
C ARG B 102 -22.63 8.70 36.32
N LEU B 103 -23.32 8.31 35.25
CA LEU B 103 -22.88 8.62 33.90
C LEU B 103 -23.45 9.93 33.40
N SER B 104 -22.65 10.65 32.64
CA SER B 104 -23.09 11.86 31.95
C SER B 104 -22.54 11.84 30.53
N VAL B 105 -23.43 12.04 29.57
CA VAL B 105 -23.02 12.15 28.19
C VAL B 105 -23.42 13.54 27.71
N ILE B 106 -22.60 14.15 26.87
CA ILE B 106 -22.97 15.47 26.35
C ILE B 106 -22.65 15.59 24.87
N SER B 107 -23.55 16.27 24.16
CA SER B 107 -23.37 16.52 22.75
C SER B 107 -22.93 17.95 22.57
N LEU B 108 -21.84 18.11 21.82
CA LEU B 108 -21.20 19.40 21.66
C LEU B 108 -20.87 19.71 20.21
N TYR B 109 -21.20 20.93 19.80
CA TYR B 109 -20.86 21.40 18.46
C TYR B 109 -20.05 22.69 18.55
N LEU B 110 -18.75 22.53 18.74
CA LEU B 110 -17.83 23.65 18.87
C LEU B 110 -17.80 24.49 17.59
N PRO B 111 -17.86 25.82 17.73
CA PRO B 111 -17.94 26.78 16.63
C PRO B 111 -16.85 26.62 15.59
N SER B 112 -17.24 26.58 14.32
CA SER B 112 -16.26 26.59 13.24
C SER B 112 -15.91 28.01 12.90
N GLY B 113 -14.62 28.33 12.86
CA GLY B 113 -14.20 29.68 12.59
C GLY B 113 -13.59 29.83 11.21
N SER B 114 -13.97 28.94 10.30
CA SER B 114 -13.36 28.91 8.97
C SER B 114 -13.96 29.92 8.01
N SER B 115 -15.25 30.20 8.19
CA SER B 115 -15.99 31.09 7.31
C SER B 115 -15.45 32.53 7.29
N ALA B 116 -15.17 33.08 8.47
CA ALA B 116 -14.62 34.44 8.53
C ALA B 116 -14.05 34.80 9.90
N GLU B 117 -13.55 36.02 10.00
CA GLU B 117 -12.81 36.52 11.17
C GLU B 117 -13.50 36.37 12.51
N GLU B 118 -14.63 37.06 12.66
CA GLU B 118 -15.34 37.12 13.93
C GLU B 118 -15.71 35.72 14.39
N ARG B 119 -15.89 34.82 13.42
CA ARG B 119 -16.16 33.43 13.74
C ARG B 119 -14.96 32.81 14.46
N GLN B 120 -13.76 33.06 13.96
CA GLN B 120 -12.55 32.60 14.63
C GLN B 120 -12.48 33.16 16.06
N GLN B 121 -12.75 34.46 16.18
CA GLN B 121 -12.76 35.10 17.49
C GLN B 121 -13.72 34.40 18.44
N VAL B 122 -14.96 34.24 17.99
CA VAL B 122 -16.00 33.56 18.77
C VAL B 122 -15.52 32.17 19.18
N LYS B 123 -14.87 31.47 18.26
CA LYS B 123 -14.34 30.15 18.55
C LYS B 123 -13.37 30.23 19.73
N TYR B 124 -12.46 31.20 19.68
CA TYR B 124 -11.50 31.37 20.79
C TYR B 124 -12.20 31.68 22.13
N ARG B 125 -13.16 32.60 22.10
CA ARG B 125 -13.89 32.94 23.32
C ARG B 125 -14.61 31.70 23.87
N PHE B 126 -15.15 30.90 22.95
CA PHE B 126 -15.83 29.65 23.30
C PHE B 126 -14.87 28.69 24.00
N LEU B 127 -13.68 28.53 23.45
CA LEU B 127 -12.67 27.72 24.11
C LEU B 127 -12.37 28.26 25.51
N ASP B 128 -12.29 29.59 25.62
CA ASP B 128 -12.05 30.26 26.90
C ASP B 128 -13.09 29.91 27.94
N ALA B 129 -14.37 30.03 27.56
CA ALA B 129 -15.46 29.78 28.49
C ALA B 129 -15.58 28.29 28.79
N PHE B 130 -15.23 27.47 27.80
CA PHE B 130 -15.43 26.04 27.88
C PHE B 130 -14.40 25.34 28.78
N TYR B 131 -13.13 25.73 28.63
CA TYR B 131 -12.06 25.10 29.39
C TYR B 131 -12.37 24.98 30.89
N PRO B 132 -12.83 26.08 31.52
CA PRO B 132 -13.16 26.07 32.95
C PRO B 132 -14.19 25.01 33.34
N MET B 133 -15.21 24.80 32.51
CA MET B 133 -16.23 23.80 32.80
C MET B 133 -15.78 22.40 32.42
N LEU B 134 -14.85 22.30 31.48
CA LEU B 134 -14.22 21.02 31.18
C LEU B 134 -13.48 20.59 32.44
N GLU B 135 -12.82 21.56 33.06
CA GLU B 135 -12.11 21.34 34.30
C GLU B 135 -13.06 20.97 35.43
N ALA B 136 -14.09 21.78 35.65
CA ALA B 136 -15.08 21.49 36.67
C ALA B 136 -15.67 20.08 36.51
N MET B 137 -15.99 19.73 35.27
CA MET B 137 -16.54 18.41 34.94
C MET B 137 -15.55 17.31 35.32
N LYS B 138 -14.29 17.53 34.95
CA LYS B 138 -13.22 16.62 35.33
C LYS B 138 -13.23 16.44 36.85
N ASN B 139 -13.49 17.53 37.57
CA ASN B 139 -13.46 17.51 39.04
C ASN B 139 -14.71 16.92 39.68
N GLU B 140 -15.80 16.82 38.92
CA GLU B 140 -17.04 16.26 39.44
C GLU B 140 -16.84 14.89 40.10
N GLY B 141 -15.86 14.14 39.60
CA GLY B 141 -15.59 12.84 40.15
C GLY B 141 -16.63 11.81 39.73
N ARG B 142 -16.85 11.73 38.43
CA ARG B 142 -17.81 10.78 37.88
C ARG B 142 -17.46 10.46 36.43
N ASP B 143 -18.26 9.59 35.82
CA ASP B 143 -18.02 9.16 34.45
C ASP B 143 -18.70 10.09 33.43
N ILE B 144 -17.89 10.74 32.60
CA ILE B 144 -18.40 11.74 31.67
C ILE B 144 -17.79 11.56 30.27
N VAL B 145 -18.65 11.47 29.27
CA VAL B 145 -18.23 11.48 27.87
C VAL B 145 -18.71 12.76 27.20
N VAL B 146 -17.77 13.59 26.77
CA VAL B 146 -18.12 14.78 26.00
C VAL B 146 -17.82 14.47 24.54
N CYS B 147 -18.87 14.17 23.78
CA CYS B 147 -18.67 13.88 22.35
C CYS B 147 -19.23 14.94 21.41
N GLY B 148 -18.68 14.95 20.19
CA GLY B 148 -19.17 15.85 19.18
C GLY B 148 -18.15 16.39 18.24
N ASP B 149 -18.51 17.49 17.58
CA ASP B 149 -17.65 18.12 16.61
C ASP B 149 -16.83 19.21 17.29
N TRP B 150 -15.59 18.88 17.62
CA TRP B 150 -14.70 19.82 18.32
C TRP B 150 -14.06 20.81 17.36
N ASN B 151 -14.18 20.55 16.07
CA ASN B 151 -13.65 21.43 15.04
C ASN B 151 -12.17 21.76 15.17
N ILE B 152 -11.42 20.88 15.83
CA ILE B 152 -9.97 21.04 15.91
C ILE B 152 -9.25 19.70 15.73
N ALA B 153 -8.42 19.61 14.70
CA ALA B 153 -7.53 18.46 14.53
C ALA B 153 -6.32 18.62 15.46
N HIS B 154 -6.00 17.58 16.21
CA HIS B 154 -4.96 17.66 17.24
C HIS B 154 -3.53 17.69 16.70
N GLN B 155 -3.16 16.66 15.93
CA GLN B 155 -1.79 16.52 15.43
C GLN B 155 -1.74 16.21 13.95
N ASN B 156 -0.52 16.17 13.42
CA ASN B 156 -0.29 15.93 11.99
C ASN B 156 -1.03 14.69 11.50
N ILE B 157 -1.10 13.68 12.38
CA ILE B 157 -1.68 12.40 12.00
C ILE B 157 -3.20 12.50 11.89
N ASP B 158 -3.72 13.59 12.43
CA ASP B 158 -5.17 13.81 12.48
C ASP B 158 -5.76 14.47 11.23
N LEU B 159 -4.95 14.68 10.20
CA LEU B 159 -5.44 15.17 8.90
C LEU B 159 -4.44 15.00 7.76
N LYS B 160 -4.91 14.46 6.64
CA LYS B 160 -4.07 14.16 5.48
C LYS B 160 -3.10 15.28 5.09
N ASN B 161 -3.63 16.47 4.91
CA ASN B 161 -2.82 17.62 4.49
C ASN B 161 -2.42 18.56 5.63
N TRP B 162 -1.73 18.02 6.62
CA TRP B 162 -1.31 18.81 7.76
C TRP B 162 -0.36 19.94 7.35
N LYS B 163 0.43 19.69 6.31
CA LYS B 163 1.39 20.70 5.84
C LYS B 163 0.73 22.03 5.47
N GLY B 164 -0.18 21.99 4.50
CA GLY B 164 -0.78 23.20 3.97
C GLY B 164 -1.96 23.77 4.74
N ASN B 165 -2.32 23.11 5.84
CA ASN B 165 -3.47 23.53 6.62
C ASN B 165 -3.13 24.17 7.95
N GLN B 166 -1.87 24.54 8.13
CA GLN B 166 -1.42 25.12 9.40
C GLN B 166 -1.79 26.59 9.54
N LYS B 167 -2.42 27.14 8.52
CA LYS B 167 -2.87 28.51 8.55
C LYS B 167 -4.38 28.60 8.38
N ASN B 168 -5.04 27.44 8.37
CA ASN B 168 -6.50 27.39 8.27
C ASN B 168 -7.15 27.10 9.61
N SER B 169 -8.36 27.58 9.80
CA SER B 169 -9.07 27.31 11.03
C SER B 169 -9.24 25.82 11.14
N GLY B 170 -9.01 25.27 12.33
CA GLY B 170 -9.11 23.85 12.55
C GLY B 170 -7.78 23.20 12.86
N PHE B 171 -6.69 23.85 12.45
CA PHE B 171 -5.34 23.30 12.66
C PHE B 171 -4.30 24.40 12.96
N LEU B 172 -4.76 25.51 13.51
CA LEU B 172 -3.87 26.57 13.96
C LEU B 172 -3.20 26.12 15.25
N PRO B 173 -1.98 26.63 15.49
CA PRO B 173 -1.21 26.26 16.68
C PRO B 173 -1.97 26.48 18.00
N GLU B 174 -2.68 27.58 18.13
CA GLU B 174 -3.44 27.87 19.35
C GLU B 174 -4.47 26.78 19.65
N GLU B 175 -5.17 26.34 18.62
CA GLU B 175 -6.23 25.33 18.77
C GLU B 175 -5.63 24.00 19.20
N ARG B 176 -4.66 23.51 18.43
CA ARG B 176 -3.93 22.29 18.78
C ARG B 176 -3.43 22.37 20.21
N GLU B 177 -2.91 23.53 20.59
CA GLU B 177 -2.46 23.77 21.96
C GLU B 177 -3.58 23.61 22.98
N TRP B 178 -4.73 24.21 22.71
CA TRP B 178 -5.88 24.11 23.59
C TRP B 178 -6.22 22.64 23.82
N ILE B 179 -6.52 21.96 22.73
CA ILE B 179 -6.80 20.52 22.78
C ILE B 179 -5.76 19.81 23.65
N GLY B 180 -4.48 20.04 23.34
CA GLY B 180 -3.38 19.50 24.11
C GLY B 180 -3.54 19.70 25.61
N LYS B 181 -3.86 20.93 26.02
CA LYS B 181 -4.09 21.24 27.43
C LYS B 181 -5.24 20.43 28.01
N VAL B 182 -6.39 20.42 27.33
CA VAL B 182 -7.54 19.66 27.85
C VAL B 182 -7.25 18.16 27.97
N ILE B 183 -6.34 17.65 27.15
CA ILE B 183 -5.98 16.24 27.21
C ILE B 183 -4.94 15.98 28.29
N HIS B 184 -3.91 16.82 28.35
CA HIS B 184 -2.78 16.62 29.26
C HIS B 184 -2.90 17.40 30.58
N LYS B 185 -2.94 18.72 30.48
CA LYS B 185 -3.07 19.56 31.68
C LYS B 185 -4.38 19.30 32.44
N LEU B 186 -5.38 18.77 31.75
CA LEU B 186 -6.67 18.53 32.38
C LEU B 186 -6.97 17.05 32.59
N GLY B 187 -6.37 16.19 31.78
CA GLY B 187 -6.49 14.75 31.97
C GLY B 187 -7.61 14.05 31.24
N TRP B 188 -8.20 14.73 30.25
CA TRP B 188 -9.24 14.13 29.43
C TRP B 188 -8.62 13.18 28.42
N THR B 189 -9.26 12.03 28.23
CA THR B 189 -8.78 11.04 27.27
C THR B 189 -9.43 11.23 25.89
N ASP B 190 -8.60 11.47 24.87
CA ASP B 190 -9.04 11.45 23.49
C ASP B 190 -9.19 9.98 23.09
N MET B 191 -10.37 9.43 23.35
CA MET B 191 -10.61 7.99 23.28
C MET B 191 -10.04 7.28 22.04
N TRP B 192 -10.26 7.86 20.86
CA TRP B 192 -9.79 7.19 19.65
C TRP B 192 -8.27 7.05 19.57
N ARG B 193 -7.57 8.16 19.77
CA ARG B 193 -6.11 8.20 19.66
C ARG B 193 -5.48 7.30 20.72
N THR B 194 -6.03 7.36 21.92
CA THR B 194 -5.63 6.51 23.02
C THR B 194 -5.86 5.01 22.75
N LEU B 195 -6.81 4.70 21.87
CA LEU B 195 -7.21 3.33 21.61
C LEU B 195 -6.42 2.74 20.42
N TYR B 196 -6.08 3.60 19.48
CA TYR B 196 -5.36 3.22 18.27
C TYR B 196 -4.40 4.35 17.92
N PRO B 197 -3.20 4.36 18.53
CA PRO B 197 -2.29 5.50 18.43
C PRO B 197 -1.75 5.77 17.03
N ASP B 198 -1.96 4.83 16.09
CA ASP B 198 -1.34 4.94 14.78
C ASP B 198 -2.32 5.12 13.63
N VAL B 199 -3.60 4.85 13.87
CA VAL B 199 -4.62 4.99 12.84
C VAL B 199 -5.18 6.41 12.83
N PRO B 200 -5.19 7.06 11.65
CA PRO B 200 -5.68 8.43 11.53
C PRO B 200 -7.12 8.57 12.01
N GLY B 201 -8.04 7.85 11.36
CA GLY B 201 -9.43 7.82 11.81
C GLY B 201 -10.18 9.11 11.54
N TYR B 202 -10.04 9.60 10.31
CA TYR B 202 -10.73 10.81 9.89
C TYR B 202 -12.22 10.63 10.11
N THR B 203 -12.93 11.75 10.30
CA THR B 203 -14.37 11.73 10.53
C THR B 203 -15.07 12.73 9.60
N TRP B 204 -14.28 13.49 8.86
CA TRP B 204 -14.82 14.54 8.01
C TRP B 204 -14.00 14.71 6.73
N TRP B 205 -14.69 15.05 5.65
CA TRP B 205 -14.04 15.35 4.39
C TRP B 205 -14.75 16.52 3.70
N SER B 206 -13.99 17.56 3.38
CA SER B 206 -14.51 18.67 2.60
C SER B 206 -15.21 18.17 1.34
N ASN B 207 -16.19 18.93 0.88
CA ASN B 207 -16.91 18.63 -0.36
C ASN B 207 -16.12 19.07 -1.58
N ARG B 208 -15.00 19.75 -1.35
CA ARG B 208 -14.13 20.22 -2.42
C ARG B 208 -13.45 19.06 -3.13
N GLY B 209 -13.10 19.26 -4.39
CA GLY B 209 -12.45 18.24 -5.20
C GLY B 209 -13.00 16.84 -5.00
N GLN B 210 -12.12 15.88 -4.79
CA GLN B 210 -12.53 14.50 -4.53
C GLN B 210 -12.05 14.06 -3.16
N ALA B 211 -12.07 14.99 -2.21
CA ALA B 211 -11.56 14.72 -0.87
C ALA B 211 -12.09 13.41 -0.29
N TYR B 212 -13.40 13.16 -0.42
CA TYR B 212 -13.98 11.97 0.20
C TYR B 212 -13.46 10.69 -0.45
N ALA B 213 -13.22 10.75 -1.76
CA ALA B 213 -12.75 9.58 -2.50
C ALA B 213 -11.30 9.27 -2.21
N LYS B 214 -10.46 10.30 -2.28
CA LYS B 214 -9.02 10.15 -2.02
C LYS B 214 -8.71 10.08 -0.52
N ASP B 215 -9.76 10.02 0.30
CA ASP B 215 -9.62 9.98 1.76
C ASP B 215 -8.77 11.14 2.28
N VAL B 216 -9.01 12.34 1.76
CA VAL B 216 -8.30 13.52 2.23
C VAL B 216 -9.13 14.16 3.31
N GLY B 217 -8.99 13.65 4.54
CA GLY B 217 -9.89 14.05 5.60
C GLY B 217 -9.27 14.65 6.84
N TRP B 218 -10.13 14.85 7.84
CA TRP B 218 -9.73 15.36 9.16
C TRP B 218 -10.40 14.52 10.22
N ARG B 219 -9.74 14.36 11.36
CA ARG B 219 -10.39 13.77 12.53
C ARG B 219 -10.76 14.89 13.50
N ILE B 220 -11.93 15.49 13.30
CA ILE B 220 -12.35 16.61 14.12
C ILE B 220 -13.53 16.25 15.02
N ASP B 221 -13.99 15.01 14.92
CA ASP B 221 -15.04 14.52 15.82
C ASP B 221 -14.47 13.64 16.93
N TYR B 222 -14.66 14.06 18.18
CA TYR B 222 -14.05 13.33 19.29
C TYR B 222 -15.07 12.78 20.26
N GLN B 223 -14.62 11.77 21.00
CA GLN B 223 -15.26 11.38 22.23
C GLN B 223 -14.26 11.52 23.40
N MET B 224 -14.32 12.64 24.12
CA MET B 224 -13.40 12.88 25.24
C MET B 224 -13.95 12.29 26.51
N VAL B 225 -13.20 11.37 27.11
CA VAL B 225 -13.73 10.63 28.24
C VAL B 225 -12.86 10.78 29.51
N THR B 226 -13.51 10.62 30.67
CA THR B 226 -12.78 10.63 31.95
C THR B 226 -12.06 9.31 32.17
N PRO B 227 -10.89 9.38 32.83
CA PRO B 227 -9.94 8.31 33.15
C PRO B 227 -10.55 6.93 33.47
N GLU B 228 -11.34 6.85 34.54
CA GLU B 228 -11.94 5.57 34.94
C GLU B 228 -12.75 4.90 33.82
N LEU B 229 -13.68 5.65 33.24
CA LEU B 229 -14.48 5.19 32.11
C LEU B 229 -13.62 4.91 30.88
N ALA B 230 -12.71 5.84 30.58
CA ALA B 230 -11.78 5.68 29.46
C ALA B 230 -11.11 4.31 29.50
N ALA B 231 -10.56 3.96 30.66
CA ALA B 231 -9.88 2.68 30.84
C ALA B 231 -10.79 1.50 30.50
N LYS B 232 -12.10 1.70 30.65
CA LYS B 232 -13.06 0.65 30.38
C LYS B 232 -13.39 0.54 28.88
N ALA B 233 -12.86 1.47 28.09
CA ALA B 233 -13.01 1.43 26.64
C ALA B 233 -12.52 0.10 26.09
N VAL B 234 -13.23 -0.44 25.09
CA VAL B 234 -12.84 -1.71 24.50
C VAL B 234 -12.74 -1.64 22.97
N SER B 235 -13.61 -0.88 22.32
CA SER B 235 -13.57 -0.82 20.87
C SER B 235 -13.99 0.55 20.34
N ALA B 236 -13.63 0.83 19.10
CA ALA B 236 -14.10 2.03 18.43
C ALA B 236 -13.96 1.88 16.92
N HIS B 237 -14.86 2.50 16.19
CA HIS B 237 -14.66 2.62 14.75
C HIS B 237 -15.49 3.73 14.10
N VAL B 238 -15.00 4.19 12.96
CA VAL B 238 -15.68 5.19 12.16
C VAL B 238 -16.59 4.50 11.14
N TYR B 239 -17.90 4.63 11.32
CA TYR B 239 -18.87 3.98 10.44
C TYR B 239 -18.92 4.65 9.07
N LYS B 240 -18.62 3.90 8.03
CA LYS B 240 -18.40 4.52 6.73
C LYS B 240 -19.14 3.79 5.60
N ASP B 241 -19.92 2.77 5.97
CA ASP B 241 -20.71 1.99 5.02
C ASP B 241 -21.73 2.83 4.26
N GLU B 242 -22.54 3.57 5.01
CA GLU B 242 -23.47 4.55 4.43
C GLU B 242 -22.98 5.96 4.77
N LYS B 243 -23.29 6.92 3.91
CA LYS B 243 -22.90 8.30 4.13
C LYS B 243 -24.14 9.17 4.40
N PHE B 244 -24.30 9.59 5.65
CA PHE B 244 -25.45 10.38 6.07
C PHE B 244 -25.13 11.87 6.04
N SER B 245 -23.85 12.18 5.88
CA SER B 245 -23.38 13.53 6.07
C SER B 245 -21.99 13.70 5.49
N ASP B 246 -21.44 14.91 5.58
CA ASP B 246 -20.05 15.14 5.22
C ASP B 246 -19.11 14.72 6.37
N HIS B 247 -19.70 14.45 7.53
CA HIS B 247 -19.03 13.78 8.63
C HIS B 247 -19.42 12.31 8.61
N ALA B 248 -18.74 11.51 9.43
CA ALA B 248 -19.08 10.11 9.61
C ALA B 248 -19.29 9.82 11.09
N PRO B 249 -20.22 8.93 11.41
CA PRO B 249 -20.48 8.63 12.83
C PRO B 249 -19.26 7.96 13.50
N LEU B 250 -18.87 8.43 14.68
CA LEU B 250 -17.81 7.81 15.45
C LEU B 250 -18.39 6.97 16.59
N VAL B 251 -18.18 5.66 16.53
CA VAL B 251 -18.78 4.79 17.53
C VAL B 251 -17.74 4.22 18.48
N VAL B 252 -18.04 4.27 19.78
CA VAL B 252 -17.14 3.74 20.80
C VAL B 252 -17.90 2.84 21.75
N GLU B 253 -17.33 1.68 22.06
CA GLU B 253 -17.95 0.75 22.99
C GLU B 253 -17.14 0.67 24.27
N TYR B 254 -17.83 0.75 25.40
CA TYR B 254 -17.22 0.63 26.72
C TYR B 254 -17.81 -0.56 27.46
N ASP B 255 -16.95 -1.31 28.15
CA ASP B 255 -17.43 -2.36 29.04
C ASP B 255 -17.79 -1.71 30.37
N TYR B 256 -19.09 -1.50 30.56
CA TYR B 256 -19.60 -0.66 31.63
C TYR B 256 -21.07 -0.99 31.83
N ALA B 257 -21.55 -0.93 33.06
CA ALA B 257 -22.96 -1.17 33.35
C ALA B 257 -23.45 -0.22 34.43
N ALA B 258 -24.54 0.50 34.16
CA ALA B 258 -24.98 1.57 35.07
C ALA B 258 -25.50 1.02 36.40
N GLU B 259 -25.72 -0.29 36.47
CA GLU B 259 -26.15 -0.93 37.71
C GLU B 259 -24.99 -1.03 38.71
N MET C 1 -1.78 -15.16 -39.38
CA MET C 1 -1.76 -14.61 -38.02
C MET C 1 -0.33 -14.25 -37.58
N LEU C 2 -0.09 -12.96 -37.33
CA LEU C 2 1.26 -12.45 -37.07
C LEU C 2 1.37 -11.64 -35.78
N LYS C 3 2.27 -12.02 -34.87
CA LYS C 3 2.42 -11.28 -33.61
C LYS C 3 3.79 -10.63 -33.42
N ILE C 4 3.82 -9.30 -33.30
CA ILE C 4 5.08 -8.58 -33.14
C ILE C 4 5.17 -7.91 -31.79
N ILE C 5 6.30 -8.15 -31.11
CA ILE C 5 6.53 -7.55 -29.81
C ILE C 5 7.72 -6.59 -29.87
N SER C 6 7.59 -5.45 -29.21
CA SER C 6 8.71 -4.52 -29.10
C SER C 6 9.00 -4.23 -27.63
N ALA C 7 10.24 -4.48 -27.23
CA ALA C 7 10.63 -4.37 -25.83
C ALA C 7 12.02 -3.76 -25.64
N ASN C 8 12.06 -2.61 -24.98
CA ASN C 8 13.30 -2.06 -24.43
C ASN C 8 13.57 -2.86 -23.16
N VAL C 9 14.58 -3.74 -23.21
CA VAL C 9 14.83 -4.69 -22.11
C VAL C 9 15.68 -4.12 -20.98
N ASN C 10 16.33 -2.99 -21.23
CA ASN C 10 17.17 -2.32 -20.25
C ASN C 10 18.23 -3.27 -19.73
N GLY C 11 19.06 -3.74 -20.65
CA GLY C 11 19.98 -4.80 -20.37
C GLY C 11 19.40 -6.16 -20.70
N ILE C 12 19.77 -6.66 -21.87
CA ILE C 12 19.40 -8.00 -22.30
C ILE C 12 19.73 -9.04 -21.22
N ARG C 13 20.86 -8.85 -20.52
CA ARG C 13 21.26 -9.80 -19.49
C ARG C 13 20.35 -9.67 -18.27
N SER C 14 20.15 -8.45 -17.81
CA SER C 14 19.23 -8.19 -16.72
C SER C 14 17.88 -8.84 -17.01
N ALA C 15 17.37 -8.59 -18.22
CA ALA C 15 16.07 -9.10 -18.64
C ALA C 15 16.06 -10.63 -18.62
N TYR C 16 17.11 -11.24 -19.14
CA TYR C 16 17.17 -12.69 -19.13
C TYR C 16 17.12 -13.20 -17.69
N LYS C 17 17.78 -12.49 -16.77
CA LYS C 17 17.71 -12.82 -15.33
C LYS C 17 16.31 -12.64 -14.75
N LYS C 18 15.49 -11.78 -15.36
CA LYS C 18 14.14 -11.57 -14.81
C LYS C 18 13.02 -12.36 -15.50
N GLY C 19 13.40 -13.25 -16.41
CA GLY C 19 12.44 -14.19 -16.99
C GLY C 19 11.97 -13.83 -18.39
N PHE C 20 12.76 -13.03 -19.10
CA PHE C 20 12.37 -12.56 -20.42
C PHE C 20 12.54 -13.64 -21.46
N TYR C 21 13.54 -14.50 -21.26
CA TYR C 21 13.83 -15.55 -22.22
C TYR C 21 12.61 -16.48 -22.36
N GLU C 22 11.98 -16.78 -21.24
CA GLU C 22 10.81 -17.65 -21.24
C GLU C 22 9.64 -16.93 -21.87
N TYR C 23 9.53 -15.64 -21.59
CA TYR C 23 8.46 -14.84 -22.15
C TYR C 23 8.54 -14.84 -23.67
N ILE C 24 9.76 -14.79 -24.21
CA ILE C 24 9.93 -14.78 -25.67
C ILE C 24 9.16 -15.91 -26.36
N ALA C 25 9.04 -17.04 -25.67
CA ALA C 25 8.36 -18.19 -26.25
C ALA C 25 6.91 -18.28 -25.77
N ALA C 26 6.67 -17.92 -24.52
CA ALA C 26 5.31 -18.02 -23.99
C ALA C 26 4.38 -17.06 -24.73
N SER C 27 4.93 -15.92 -25.12
CA SER C 27 4.15 -14.88 -25.78
C SER C 27 3.54 -15.33 -27.10
N GLY C 28 4.13 -16.35 -27.72
CA GLY C 28 3.68 -16.78 -29.05
C GLY C 28 4.25 -15.90 -30.16
N ALA C 29 4.90 -14.80 -29.77
CA ALA C 29 5.47 -13.84 -30.71
C ALA C 29 6.23 -14.51 -31.86
N ASP C 30 5.92 -14.06 -33.08
CA ASP C 30 6.60 -14.53 -34.27
C ASP C 30 7.84 -13.71 -34.52
N ILE C 31 7.82 -12.46 -34.07
CA ILE C 31 8.98 -11.58 -34.18
C ILE C 31 9.12 -10.71 -32.94
N VAL C 32 10.32 -10.66 -32.38
CA VAL C 32 10.58 -9.78 -31.25
C VAL C 32 11.65 -8.73 -31.54
N CYS C 33 11.35 -7.49 -31.18
CA CYS C 33 12.26 -6.39 -31.41
C CYS C 33 12.72 -5.85 -30.09
N VAL C 34 14.03 -5.83 -29.89
CA VAL C 34 14.61 -5.48 -28.61
C VAL C 34 15.53 -4.26 -28.73
N GLN C 35 15.50 -3.41 -27.71
CA GLN C 35 16.38 -2.25 -27.61
C GLN C 35 17.05 -2.17 -26.23
N GLU C 36 18.12 -1.39 -26.15
CA GLU C 36 18.95 -1.30 -24.93
C GLU C 36 19.50 -2.66 -24.48
N LEU C 37 20.19 -3.34 -25.40
CA LEU C 37 20.90 -4.58 -25.08
C LEU C 37 21.86 -4.39 -23.90
N LYS C 38 22.59 -3.27 -23.90
CA LYS C 38 23.62 -3.01 -22.90
C LYS C 38 24.63 -4.14 -22.96
N ALA C 39 25.16 -4.37 -24.17
CA ALA C 39 26.05 -5.51 -24.42
C ALA C 39 26.56 -5.49 -25.86
N GLN C 40 27.68 -6.18 -26.09
CA GLN C 40 28.24 -6.33 -27.42
C GLN C 40 28.22 -7.79 -27.83
N GLU C 41 28.52 -8.05 -29.10
CA GLU C 41 28.40 -9.40 -29.64
C GLU C 41 29.06 -10.44 -28.74
N ALA C 42 30.19 -10.06 -28.16
CA ALA C 42 30.97 -10.93 -27.29
C ALA C 42 30.23 -11.31 -26.00
N ASP C 43 29.57 -10.32 -25.39
CA ASP C 43 28.84 -10.54 -24.13
C ASP C 43 27.57 -11.38 -24.33
N LEU C 44 27.23 -11.68 -25.59
CA LEU C 44 25.98 -12.36 -25.90
C LEU C 44 26.03 -13.89 -25.86
N SER C 45 25.33 -14.46 -24.88
CA SER C 45 25.03 -15.88 -24.85
C SER C 45 24.41 -16.31 -26.19
N ALA C 46 24.45 -17.62 -26.49
CA ALA C 46 23.83 -18.12 -27.72
C ALA C 46 22.31 -18.07 -27.60
N ASP C 47 21.83 -18.11 -26.37
CA ASP C 47 20.39 -18.03 -26.12
C ASP C 47 19.89 -16.59 -26.24
N MET C 48 20.83 -15.65 -26.25
CA MET C 48 20.50 -14.25 -26.44
C MET C 48 20.80 -13.82 -27.88
N LYS C 49 20.94 -14.80 -28.77
CA LYS C 49 21.21 -14.52 -30.18
C LYS C 49 20.25 -15.30 -31.05
N ASN C 50 19.86 -16.47 -30.58
CA ASN C 50 18.95 -17.37 -31.29
C ASN C 50 17.97 -17.98 -30.30
N PRO C 51 17.25 -17.13 -29.56
CA PRO C 51 16.34 -17.59 -28.50
C PRO C 51 15.37 -18.62 -29.07
N HIS C 52 15.24 -19.76 -28.41
CA HIS C 52 14.34 -20.83 -28.84
C HIS C 52 14.49 -21.22 -30.31
N GLY C 53 15.68 -21.02 -30.85
CA GLY C 53 15.97 -21.42 -32.23
C GLY C 53 15.50 -20.40 -33.25
N MET C 54 15.03 -19.26 -32.75
CA MET C 54 14.65 -18.14 -33.63
C MET C 54 15.92 -17.59 -34.28
N HIS C 55 15.76 -16.93 -35.42
CA HIS C 55 16.88 -16.20 -36.01
C HIS C 55 17.05 -14.90 -35.25
N GLY C 56 18.18 -14.25 -35.42
CA GLY C 56 18.48 -13.07 -34.64
C GLY C 56 19.52 -12.20 -35.31
N HIS C 57 19.29 -10.89 -35.28
CA HIS C 57 20.25 -9.95 -35.87
C HIS C 57 20.37 -8.70 -35.02
N TRP C 58 21.61 -8.28 -34.77
CA TRP C 58 21.85 -7.22 -33.81
C TRP C 58 22.80 -6.17 -34.36
N HIS C 59 22.86 -5.06 -33.63
CA HIS C 59 23.72 -3.94 -33.96
C HIS C 59 24.13 -3.33 -32.64
N CYS C 60 25.36 -3.58 -32.20
CA CYS C 60 25.78 -3.15 -30.88
C CYS C 60 26.65 -1.89 -30.92
N ALA C 61 26.71 -1.19 -29.79
CA ALA C 61 27.45 0.07 -29.70
C ALA C 61 28.95 -0.17 -29.58
N GLU C 62 29.75 0.81 -29.99
CA GLU C 62 31.20 0.73 -29.85
C GLU C 62 31.63 1.06 -28.42
N LYS C 63 30.79 0.70 -27.46
CA LYS C 63 31.07 0.92 -26.04
C LYS C 63 30.44 -0.22 -25.26
N ARG C 64 31.13 -0.67 -24.24
CA ARG C 64 30.63 -1.79 -23.44
C ARG C 64 29.39 -1.37 -22.66
N GLY C 65 28.41 -2.26 -22.59
CA GLY C 65 27.19 -2.03 -21.83
C GLY C 65 26.41 -0.78 -22.26
N TYR C 66 26.14 -0.66 -23.55
CA TYR C 66 25.49 0.52 -24.09
C TYR C 66 24.63 0.24 -25.33
N SER C 67 23.45 0.85 -25.35
CA SER C 67 22.52 0.80 -26.49
C SER C 67 22.35 -0.55 -27.16
N GLY C 68 22.31 -0.51 -28.49
CA GLY C 68 22.17 -1.72 -29.27
C GLY C 68 20.74 -2.21 -29.38
N VAL C 69 20.41 -2.77 -30.54
CA VAL C 69 19.07 -3.28 -30.78
C VAL C 69 19.22 -4.60 -31.50
N ALA C 70 18.14 -5.38 -31.50
CA ALA C 70 18.14 -6.66 -32.21
C ALA C 70 16.74 -7.01 -32.68
N VAL C 71 16.65 -7.86 -33.68
CA VAL C 71 15.37 -8.50 -34.01
C VAL C 71 15.52 -10.02 -34.12
N TYR C 72 14.66 -10.72 -33.38
CA TYR C 72 14.58 -12.17 -33.40
C TYR C 72 13.33 -12.56 -34.18
N SER C 73 13.43 -13.60 -35.02
CA SER C 73 12.34 -13.99 -35.90
C SER C 73 12.23 -15.50 -36.09
N LYS C 74 11.07 -16.07 -35.79
CA LYS C 74 10.83 -17.51 -36.03
C LYS C 74 11.13 -17.89 -37.48
N ARG C 75 11.31 -16.90 -38.32
CA ARG C 75 11.55 -17.15 -39.74
C ARG C 75 12.85 -16.50 -40.16
N LYS C 76 13.42 -17.03 -41.24
CA LYS C 76 14.74 -16.56 -41.69
C LYS C 76 14.62 -15.37 -42.63
N PRO C 77 15.15 -14.22 -42.20
CA PRO C 77 15.15 -13.00 -43.01
C PRO C 77 15.89 -13.22 -44.31
N ASP C 78 15.20 -13.13 -45.45
CA ASP C 78 15.90 -13.23 -46.73
C ASP C 78 16.72 -11.99 -47.03
N ASN C 79 16.57 -10.96 -46.21
CA ASN C 79 17.61 -9.93 -46.16
C ASN C 79 17.68 -9.21 -44.82
N VAL C 80 18.83 -8.59 -44.55
CA VAL C 80 19.02 -7.84 -43.32
C VAL C 80 19.91 -6.62 -43.58
N GLN C 81 19.61 -5.52 -42.91
CA GLN C 81 20.46 -4.33 -42.96
C GLN C 81 20.76 -3.80 -41.55
N ILE C 82 22.04 -3.85 -41.20
CA ILE C 82 22.51 -3.39 -39.90
C ILE C 82 23.06 -1.98 -40.03
N GLY C 83 22.65 -1.08 -39.13
CA GLY C 83 23.04 0.31 -39.20
C GLY C 83 22.24 1.05 -40.27
N MET C 84 22.09 2.37 -40.11
CA MET C 84 21.20 3.13 -40.98
C MET C 84 21.92 3.95 -42.05
N GLY C 85 23.14 3.55 -42.39
CA GLY C 85 23.86 4.17 -43.49
C GLY C 85 24.59 5.46 -43.17
N ILE C 86 24.55 5.88 -41.91
CA ILE C 86 25.33 7.03 -41.48
C ILE C 86 26.04 6.75 -40.15
N GLU C 87 27.35 6.58 -40.22
CA GLU C 87 28.16 6.09 -39.11
C GLU C 87 27.98 6.82 -37.79
N GLU C 88 27.93 8.15 -37.85
CA GLU C 88 27.79 8.99 -36.66
C GLU C 88 26.87 8.39 -35.58
N PHE C 89 25.81 7.69 -36.00
CA PHE C 89 24.90 7.03 -35.07
C PHE C 89 25.11 5.52 -35.01
N ASP C 90 25.49 4.94 -36.16
CA ASP C 90 25.71 3.50 -36.25
C ASP C 90 26.76 3.05 -35.23
N ARG C 91 27.55 4.00 -34.74
CA ARG C 91 28.55 3.72 -33.71
C ARG C 91 27.87 3.39 -32.39
N GLU C 92 26.58 3.67 -32.31
CA GLU C 92 25.80 3.49 -31.08
C GLU C 92 24.80 2.33 -31.15
N GLY C 93 24.83 1.58 -32.25
CA GLY C 93 23.96 0.41 -32.40
C GLY C 93 22.50 0.74 -32.11
N ARG C 94 21.85 1.36 -33.09
CA ARG C 94 20.61 2.06 -32.85
C ARG C 94 19.52 1.69 -33.85
N PHE C 95 19.86 0.83 -34.80
CA PHE C 95 18.97 0.54 -35.92
C PHE C 95 19.27 -0.80 -36.56
N VAL C 96 18.34 -1.75 -36.45
CA VAL C 96 18.45 -2.97 -37.24
C VAL C 96 17.20 -3.16 -38.09
N ARG C 97 17.38 -3.64 -39.32
CA ARG C 97 16.23 -3.94 -40.18
C ARG C 97 16.27 -5.35 -40.77
N CYS C 98 15.12 -6.00 -40.84
CA CYS C 98 15.01 -7.32 -41.47
C CYS C 98 13.87 -7.42 -42.47
N ASP C 99 14.17 -7.97 -43.64
CA ASP C 99 13.17 -8.15 -44.70
C ASP C 99 12.84 -9.62 -44.91
N PHE C 100 11.56 -9.94 -44.70
CA PHE C 100 11.01 -11.26 -44.96
C PHE C 100 10.02 -11.18 -46.13
N GLY C 101 10.59 -11.09 -47.33
CA GLY C 101 9.78 -10.94 -48.53
C GLY C 101 9.17 -9.56 -48.59
N ARG C 102 7.85 -9.50 -48.58
CA ARG C 102 7.14 -8.23 -48.67
C ARG C 102 7.24 -7.46 -47.36
N LEU C 103 7.45 -8.20 -46.27
CA LEU C 103 7.45 -7.64 -44.93
C LEU C 103 8.84 -7.17 -44.50
N SER C 104 8.87 -6.07 -43.78
CA SER C 104 10.09 -5.58 -43.17
C SER C 104 9.77 -5.12 -41.75
N VAL C 105 10.54 -5.63 -40.79
CA VAL C 105 10.40 -5.17 -39.43
C VAL C 105 11.72 -4.54 -39.04
N ILE C 106 11.67 -3.49 -38.23
CA ILE C 106 12.92 -2.89 -37.77
C ILE C 106 12.87 -2.53 -36.29
N SER C 107 14.01 -2.73 -35.63
CA SER C 107 14.15 -2.38 -34.23
C SER C 107 14.94 -1.10 -34.13
N LEU C 108 14.37 -0.15 -33.39
CA LEU C 108 14.90 1.20 -33.30
C LEU C 108 14.99 1.70 -31.85
N TYR C 109 16.13 2.30 -31.53
CA TYR C 109 16.31 2.90 -30.22
C TYR C 109 16.74 4.35 -30.39
N LEU C 110 15.76 5.22 -30.58
CA LEU C 110 15.98 6.64 -30.77
C LEU C 110 16.62 7.25 -29.52
N PRO C 111 17.66 8.08 -29.73
CA PRO C 111 18.49 8.69 -28.68
C PRO C 111 17.69 9.45 -27.63
N SER C 112 17.96 9.17 -26.36
CA SER C 112 17.37 9.94 -25.27
C SER C 112 18.22 11.17 -25.01
N GLY C 113 17.60 12.33 -25.02
CA GLY C 113 18.32 13.58 -24.81
C GLY C 113 18.12 14.17 -23.44
N SER C 114 17.73 13.34 -22.47
CA SER C 114 17.35 13.83 -21.15
C SER C 114 18.54 14.06 -20.23
N SER C 115 19.59 13.28 -20.43
CA SER C 115 20.79 13.34 -19.59
C SER C 115 21.51 14.70 -19.66
N ALA C 116 21.69 15.24 -20.87
CA ALA C 116 22.36 16.54 -21.01
C ALA C 116 22.20 17.15 -22.40
N GLU C 117 22.77 18.34 -22.57
CA GLU C 117 22.59 19.18 -23.76
C GLU C 117 22.88 18.51 -25.11
N GLU C 118 24.14 18.14 -25.28
CA GLU C 118 24.61 17.59 -26.54
C GLU C 118 23.78 16.38 -26.92
N ARG C 119 23.27 15.68 -25.91
CA ARG C 119 22.40 14.54 -26.15
C ARG C 119 21.11 14.99 -26.84
N GLN C 120 20.52 16.08 -26.34
CA GLN C 120 19.35 16.67 -27.00
C GLN C 120 19.68 17.03 -28.45
N GLN C 121 20.81 17.69 -28.63
CA GLN C 121 21.25 18.06 -29.99
C GLN C 121 21.31 16.84 -30.90
N VAL C 122 22.04 15.82 -30.46
CA VAL C 122 22.17 14.57 -31.19
C VAL C 122 20.80 13.99 -31.53
N LYS C 123 19.90 14.05 -30.57
CA LYS C 123 18.54 13.58 -30.77
C LYS C 123 17.92 14.31 -31.96
N TYR C 124 18.06 15.63 -31.98
CA TYR C 124 17.49 16.41 -33.08
C TYR C 124 18.11 16.04 -34.43
N ARG C 125 19.44 15.91 -34.46
CA ARG C 125 20.13 15.55 -35.70
C ARG C 125 19.68 14.18 -36.18
N PHE C 126 19.46 13.28 -35.22
CA PHE C 126 18.97 11.93 -35.49
C PHE C 126 17.58 11.99 -36.14
N LEU C 127 16.69 12.80 -35.59
CA LEU C 127 15.38 13.01 -36.20
C LEU C 127 15.54 13.52 -37.63
N ASP C 128 16.49 14.45 -37.80
CA ASP C 128 16.76 15.04 -39.11
C ASP C 128 17.14 13.99 -40.13
N ALA C 129 18.09 13.14 -39.78
CA ALA C 129 18.59 12.12 -40.69
C ALA C 129 17.55 11.04 -40.91
N PHE C 130 16.75 10.78 -39.87
CA PHE C 130 15.80 9.68 -39.89
C PHE C 130 14.57 9.96 -40.73
N TYR C 131 14.02 11.18 -40.60
CA TYR C 131 12.81 11.53 -41.34
C TYR C 131 12.87 11.17 -42.83
N PRO C 132 13.98 11.50 -43.51
CA PRO C 132 14.13 11.22 -44.94
C PRO C 132 13.99 9.74 -45.27
N MET C 133 14.53 8.87 -44.43
CA MET C 133 14.45 7.43 -44.67
C MET C 133 13.13 6.83 -44.20
N LEU C 134 12.48 7.51 -43.25
CA LEU C 134 11.11 7.15 -42.89
C LEU C 134 10.26 7.37 -44.13
N GLU C 135 10.53 8.48 -44.80
CA GLU C 135 9.85 8.85 -46.03
C GLU C 135 10.14 7.85 -47.15
N ALA C 136 11.42 7.59 -47.39
CA ALA C 136 11.81 6.63 -48.42
C ALA C 136 11.17 5.26 -48.16
N MET C 137 11.16 4.83 -46.91
CA MET C 137 10.55 3.57 -46.50
C MET C 137 9.06 3.57 -46.81
N LYS C 138 8.40 4.65 -46.44
CA LYS C 138 7.00 4.86 -46.80
C LYS C 138 6.79 4.67 -48.30
N ASN C 139 7.73 5.19 -49.09
CA ASN C 139 7.66 5.13 -50.55
C ASN C 139 8.02 3.77 -51.16
N GLU C 140 8.68 2.92 -50.38
CA GLU C 140 9.07 1.60 -50.87
C GLU C 140 7.89 0.84 -51.46
N GLY C 141 6.70 1.08 -50.92
CA GLY C 141 5.52 0.40 -51.40
C GLY C 141 5.45 -1.04 -50.93
N ARG C 142 5.58 -1.22 -49.62
CA ARG C 142 5.54 -2.54 -49.03
C ARG C 142 5.13 -2.45 -47.56
N ASP C 143 5.02 -3.59 -46.91
CA ASP C 143 4.61 -3.65 -45.51
C ASP C 143 5.80 -3.51 -44.55
N ILE C 144 5.79 -2.44 -43.77
CA ILE C 144 6.89 -2.11 -42.87
C ILE C 144 6.41 -1.73 -41.47
N VAL C 145 6.96 -2.40 -40.46
CA VAL C 145 6.74 -2.03 -39.06
C VAL C 145 8.06 -1.53 -38.47
N VAL C 146 8.09 -0.26 -38.07
CA VAL C 146 9.24 0.29 -37.38
C VAL C 146 8.87 0.37 -35.90
N CYS C 147 9.37 -0.59 -35.11
CA CYS C 147 9.07 -0.57 -33.69
C CYS C 147 10.26 -0.27 -32.79
N GLY C 148 9.96 0.18 -31.59
CA GLY C 148 10.99 0.44 -30.61
C GLY C 148 10.77 1.63 -29.72
N ASP C 149 11.85 2.09 -29.12
CA ASP C 149 11.80 3.20 -28.17
C ASP C 149 12.06 4.50 -28.94
N TRP C 150 10.98 5.21 -29.23
CA TRP C 150 11.06 6.45 -29.98
C TRP C 150 11.43 7.61 -29.08
N ASN C 151 11.36 7.38 -27.77
CA ASN C 151 11.70 8.40 -26.79
C ASN C 151 10.96 9.74 -26.93
N ILE C 152 9.77 9.71 -27.54
CA ILE C 152 8.93 10.91 -27.65
C ILE C 152 7.47 10.57 -27.40
N ALA C 153 6.89 11.17 -26.36
CA ALA C 153 5.46 11.07 -26.12
C ALA C 153 4.75 12.04 -27.06
N HIS C 154 3.70 11.58 -27.74
CA HIS C 154 3.04 12.37 -28.79
C HIS C 154 2.14 13.48 -28.24
N GLN C 155 1.16 13.11 -27.42
CA GLN C 155 0.18 14.06 -26.90
C GLN C 155 -0.04 13.96 -25.40
N ASN C 156 -0.84 14.88 -24.88
CA ASN C 156 -1.12 14.92 -23.45
C ASN C 156 -1.54 13.56 -22.90
N ILE C 157 -2.28 12.82 -23.70
CA ILE C 157 -2.84 11.55 -23.24
C ILE C 157 -1.76 10.49 -23.17
N ASP C 158 -0.61 10.81 -23.75
CA ASP C 158 0.50 9.87 -23.83
C ASP C 158 1.43 9.89 -22.61
N LEU C 159 1.09 10.69 -21.60
CA LEU C 159 1.84 10.69 -20.32
C LEU C 159 1.05 11.36 -19.18
N LYS C 160 1.01 10.69 -18.03
CA LYS C 160 0.30 11.17 -16.86
C LYS C 160 0.53 12.65 -16.53
N ASN C 161 1.78 13.05 -16.44
CA ASN C 161 2.12 14.41 -16.07
C ASN C 161 2.53 15.28 -17.25
N TRP C 162 1.62 15.42 -18.21
CA TRP C 162 1.90 16.23 -19.38
C TRP C 162 2.11 17.70 -19.03
N LYS C 163 1.44 18.17 -17.98
CA LYS C 163 1.57 19.56 -17.57
C LYS C 163 3.01 19.97 -17.27
N GLY C 164 3.63 19.30 -16.31
CA GLY C 164 4.96 19.67 -15.85
C GLY C 164 6.12 19.13 -16.65
N ASN C 165 5.83 18.39 -17.70
CA ASN C 165 6.88 17.77 -18.50
C ASN C 165 7.08 18.41 -19.87
N GLN C 166 6.50 19.59 -20.07
CA GLN C 166 6.59 20.27 -21.36
C GLN C 166 7.94 20.95 -21.58
N LYS C 167 8.81 20.86 -20.58
CA LYS C 167 10.14 21.44 -20.69
C LYS C 167 11.21 20.36 -20.52
N ASN C 168 10.79 19.11 -20.45
CA ASN C 168 11.71 17.98 -20.35
C ASN C 168 11.87 17.28 -21.69
N SER C 169 13.03 16.68 -21.92
CA SER C 169 13.24 15.90 -23.13
C SER C 169 12.23 14.77 -23.14
N GLY C 170 11.63 14.53 -24.30
CA GLY C 170 10.61 13.51 -24.42
C GLY C 170 9.23 14.09 -24.71
N PHE C 171 9.02 15.36 -24.34
CA PHE C 171 7.71 16.01 -24.50
C PHE C 171 7.83 17.48 -24.87
N LEU C 172 8.94 17.86 -25.49
CA LEU C 172 9.12 19.21 -26.00
C LEU C 172 8.28 19.38 -27.27
N PRO C 173 7.85 20.62 -27.53
CA PRO C 173 7.01 20.90 -28.70
C PRO C 173 7.62 20.43 -30.03
N GLU C 174 8.93 20.62 -30.21
CA GLU C 174 9.59 20.19 -31.45
C GLU C 174 9.44 18.69 -31.69
N GLU C 175 9.65 17.90 -30.65
CA GLU C 175 9.57 16.44 -30.73
C GLU C 175 8.15 16.00 -31.10
N ARG C 176 7.17 16.42 -30.30
CA ARG C 176 5.77 16.15 -30.58
C ARG C 176 5.44 16.53 -32.03
N GLU C 177 5.95 17.67 -32.46
CA GLU C 177 5.76 18.12 -33.84
C GLU C 177 6.34 17.13 -34.86
N TRP C 178 7.56 16.68 -34.62
CA TRP C 178 8.21 15.73 -35.50
C TRP C 178 7.34 14.48 -35.64
N ILE C 179 7.06 13.86 -34.50
CA ILE C 179 6.17 12.69 -34.48
C ILE C 179 4.90 12.97 -35.30
N GLY C 180 4.24 14.10 -35.00
CA GLY C 180 3.08 14.52 -35.76
C GLY C 180 3.28 14.48 -37.27
N LYS C 181 4.39 15.05 -37.75
CA LYS C 181 4.70 15.03 -39.16
C LYS C 181 4.84 13.61 -39.70
N VAL C 182 5.61 12.76 -39.02
CA VAL C 182 5.80 11.38 -39.49
C VAL C 182 4.48 10.60 -39.52
N ILE C 183 3.54 10.98 -38.66
CA ILE C 183 2.23 10.33 -38.66
C ILE C 183 1.30 10.89 -39.73
N HIS C 184 1.27 12.21 -39.84
CA HIS C 184 0.32 12.89 -40.74
C HIS C 184 0.94 13.27 -42.09
N LYS C 185 1.94 14.14 -42.08
CA LYS C 185 2.61 14.54 -43.31
C LYS C 185 3.26 13.37 -44.05
N LEU C 186 3.58 12.30 -43.33
CA LEU C 186 4.22 11.13 -43.94
C LEU C 186 3.29 9.92 -44.06
N GLY C 187 2.28 9.83 -43.20
CA GLY C 187 1.27 8.79 -43.33
C GLY C 187 1.53 7.49 -42.57
N TRP C 188 2.45 7.54 -41.61
CA TRP C 188 2.73 6.38 -40.78
C TRP C 188 1.63 6.26 -39.72
N THR C 189 1.21 5.03 -39.46
CA THR C 189 0.21 4.77 -38.44
C THR C 189 0.83 4.46 -37.07
N ASP C 190 0.50 5.29 -36.08
CA ASP C 190 0.84 5.00 -34.69
C ASP C 190 -0.13 3.94 -34.20
N MET C 191 0.24 2.66 -34.42
CA MET C 191 -0.70 1.55 -34.27
C MET C 191 -1.56 1.55 -33.01
N TRP C 192 -0.95 1.81 -31.86
CA TRP C 192 -1.69 1.76 -30.61
C TRP C 192 -2.81 2.81 -30.54
N ARG C 193 -2.45 4.06 -30.83
CA ARG C 193 -3.36 5.18 -30.68
C ARG C 193 -4.52 5.03 -31.68
N THR C 194 -4.16 4.61 -32.89
CA THR C 194 -5.12 4.32 -33.95
C THR C 194 -6.07 3.17 -33.59
N LEU C 195 -5.65 2.29 -32.69
CA LEU C 195 -6.39 1.08 -32.37
C LEU C 195 -7.30 1.33 -31.18
N TYR C 196 -6.84 2.18 -30.27
CA TYR C 196 -7.54 2.51 -29.04
C TYR C 196 -7.32 3.99 -28.74
N PRO C 197 -8.12 4.86 -29.36
CA PRO C 197 -7.88 6.31 -29.33
C PRO C 197 -7.97 6.93 -27.93
N ASP C 198 -8.51 6.20 -26.96
CA ASP C 198 -8.79 6.77 -25.64
C ASP C 198 -7.93 6.21 -24.51
N VAL C 199 -7.33 5.05 -24.73
CA VAL C 199 -6.49 4.42 -23.71
C VAL C 199 -5.06 4.92 -23.76
N PRO C 200 -4.53 5.40 -22.62
CA PRO C 200 -3.16 5.94 -22.59
C PRO C 200 -2.13 4.92 -23.08
N GLY C 201 -2.05 3.78 -22.39
CA GLY C 201 -1.16 2.71 -22.82
C GLY C 201 0.31 3.01 -22.61
N TYR C 202 0.64 3.48 -21.41
CA TYR C 202 2.02 3.78 -21.08
C TYR C 202 2.88 2.53 -21.27
N THR C 203 4.16 2.74 -21.55
CA THR C 203 5.10 1.65 -21.77
C THR C 203 6.35 1.82 -20.90
N TRP C 204 6.41 2.94 -20.19
CA TRP C 204 7.59 3.28 -19.40
C TRP C 204 7.22 4.03 -18.14
N TRP C 205 7.98 3.78 -17.07
CA TRP C 205 7.83 4.51 -15.82
C TRP C 205 9.21 4.78 -15.21
N SER C 206 9.49 6.05 -14.93
CA SER C 206 10.72 6.41 -14.23
C SER C 206 10.86 5.61 -12.94
N ASN C 207 12.10 5.40 -12.52
CA ASN C 207 12.41 4.71 -11.27
C ASN C 207 12.24 5.63 -10.06
N ARG C 208 12.02 6.91 -10.34
CA ARG C 208 11.83 7.91 -9.30
C ARG C 208 10.54 7.67 -8.53
N GLY C 209 10.51 8.10 -7.27
CA GLY C 209 9.33 7.96 -6.42
C GLY C 209 8.65 6.63 -6.53
N GLN C 210 7.34 6.64 -6.70
CA GLN C 210 6.58 5.42 -6.89
C GLN C 210 5.87 5.44 -8.23
N ALA C 211 6.53 6.02 -9.22
CA ALA C 211 5.95 6.14 -10.55
C ALA C 211 5.30 4.85 -11.05
N TYR C 212 5.97 3.71 -10.90
CA TYR C 212 5.44 2.46 -11.45
C TYR C 212 4.17 2.02 -10.73
N ALA C 213 4.12 2.28 -9.44
CA ALA C 213 2.96 1.90 -8.63
C ALA C 213 1.75 2.79 -8.92
N LYS C 214 1.97 4.11 -8.90
CA LYS C 214 0.89 5.07 -9.15
C LYS C 214 0.58 5.20 -10.65
N ASP C 215 1.19 4.33 -11.46
CA ASP C 215 1.02 4.37 -12.91
C ASP C 215 1.28 5.76 -13.48
N VAL C 216 2.33 6.42 -13.02
CA VAL C 216 2.73 7.70 -13.57
C VAL C 216 3.72 7.46 -14.70
N GLY C 217 3.20 7.21 -15.90
CA GLY C 217 4.05 6.72 -16.96
C GLY C 217 4.06 7.54 -18.23
N TRP C 218 4.75 7.00 -19.25
CA TRP C 218 4.81 7.58 -20.57
C TRP C 218 4.58 6.48 -21.59
N ARG C 219 3.98 6.82 -22.74
CA ARG C 219 3.93 5.90 -23.86
C ARG C 219 4.96 6.33 -24.91
N ILE C 220 6.18 5.85 -24.75
CA ILE C 220 7.27 6.26 -25.63
C ILE C 220 7.75 5.11 -26.52
N ASP C 221 7.14 3.93 -26.34
CA ASP C 221 7.42 2.79 -27.21
C ASP C 221 6.33 2.63 -28.27
N TYR C 222 6.70 2.72 -29.54
CA TYR C 222 5.72 2.64 -30.60
C TYR C 222 5.94 1.47 -31.54
N GLN C 223 4.87 1.12 -32.23
CA GLN C 223 4.96 0.32 -33.44
C GLN C 223 4.36 1.15 -34.58
N MET C 224 5.22 1.79 -35.37
CA MET C 224 4.77 2.60 -36.51
C MET C 224 4.62 1.75 -37.75
N VAL C 225 3.40 1.69 -38.28
CA VAL C 225 3.12 0.77 -39.38
C VAL C 225 2.61 1.45 -40.67
N THR C 226 2.87 0.83 -41.81
CA THR C 226 2.36 1.33 -43.08
C THR C 226 0.87 1.01 -43.23
N PRO C 227 0.12 1.90 -43.89
CA PRO C 227 -1.33 1.89 -44.15
C PRO C 227 -1.95 0.50 -44.38
N GLU C 228 -1.56 -0.19 -45.45
CA GLU C 228 -2.14 -1.49 -45.80
C GLU C 228 -2.04 -2.47 -44.64
N LEU C 229 -0.82 -2.66 -44.11
CA LEU C 229 -0.61 -3.54 -42.96
C LEU C 229 -1.34 -3.03 -41.72
N ALA C 230 -1.25 -1.72 -41.48
CA ALA C 230 -1.92 -1.11 -40.34
C ALA C 230 -3.39 -1.51 -40.28
N ALA C 231 -4.07 -1.36 -41.42
CA ALA C 231 -5.49 -1.69 -41.52
C ALA C 231 -5.75 -3.14 -41.13
N LYS C 232 -4.74 -3.99 -41.31
CA LYS C 232 -4.87 -5.41 -40.97
C LYS C 232 -4.66 -5.66 -39.47
N ALA C 233 -4.27 -4.63 -38.74
CA ALA C 233 -4.15 -4.72 -37.29
C ALA C 233 -5.45 -5.22 -36.65
N VAL C 234 -5.34 -6.07 -35.64
CA VAL C 234 -6.52 -6.59 -34.98
C VAL C 234 -6.51 -6.40 -33.47
N SER C 235 -5.33 -6.54 -32.85
CA SER C 235 -5.25 -6.42 -31.41
C SER C 235 -3.92 -5.80 -30.96
N ALA C 236 -3.90 -5.29 -29.74
CA ALA C 236 -2.66 -4.82 -29.13
C ALA C 236 -2.81 -4.78 -27.62
N HIS C 237 -1.71 -5.02 -26.91
CA HIS C 237 -1.71 -4.76 -25.47
C HIS C 237 -0.30 -4.62 -24.90
N VAL C 238 -0.22 -3.91 -23.77
CA VAL C 238 1.02 -3.73 -23.04
C VAL C 238 1.13 -4.83 -21.99
N TYR C 239 2.11 -5.71 -22.15
CA TYR C 239 2.28 -6.84 -21.25
C TYR C 239 2.87 -6.36 -19.93
N LYS C 240 2.15 -6.62 -18.84
CA LYS C 240 2.52 -6.00 -17.58
C LYS C 240 2.53 -7.01 -16.40
N ASP C 241 2.28 -8.27 -16.73
CA ASP C 241 2.23 -9.35 -15.74
C ASP C 241 3.57 -9.55 -15.03
N GLU C 242 4.64 -9.66 -15.82
CA GLU C 242 5.99 -9.69 -15.29
C GLU C 242 6.71 -8.40 -15.69
N LYS C 243 7.70 -8.01 -14.89
CA LYS C 243 8.47 -6.80 -15.16
C LYS C 243 9.92 -7.16 -15.49
N PHE C 244 10.29 -7.04 -16.76
CA PHE C 244 11.62 -7.39 -17.24
C PHE C 244 12.52 -6.18 -17.30
N SER C 245 11.92 -5.01 -17.14
CA SER C 245 12.60 -3.75 -17.40
C SER C 245 11.81 -2.57 -16.82
N ASP C 246 12.35 -1.36 -16.99
CA ASP C 246 11.61 -0.16 -16.64
C ASP C 246 10.66 0.22 -17.78
N HIS C 247 10.80 -0.46 -18.92
CA HIS C 247 9.80 -0.44 -19.99
C HIS C 247 8.96 -1.70 -19.89
N ALA C 248 7.88 -1.73 -20.68
CA ALA C 248 7.02 -2.92 -20.78
C ALA C 248 6.91 -3.31 -22.23
N PRO C 249 6.84 -4.62 -22.51
CA PRO C 249 6.73 -5.06 -23.90
C PRO C 249 5.41 -4.63 -24.53
N LEU C 250 5.47 -4.04 -25.72
CA LEU C 250 4.25 -3.70 -26.47
C LEU C 250 3.97 -4.73 -27.56
N VAL C 251 2.85 -5.46 -27.42
CA VAL C 251 2.56 -6.51 -28.39
C VAL C 251 1.39 -6.12 -29.28
N VAL C 252 1.57 -6.34 -30.59
CA VAL C 252 0.53 -6.05 -31.57
C VAL C 252 0.31 -7.26 -32.48
N GLU C 253 -0.95 -7.60 -32.73
CA GLU C 253 -1.28 -8.71 -33.61
C GLU C 253 -1.91 -8.20 -34.88
N TYR C 254 -1.43 -8.71 -36.01
CA TYR C 254 -1.97 -8.41 -37.33
C TYR C 254 -2.52 -9.66 -37.99
N ASP C 255 -3.69 -9.54 -38.63
CA ASP C 255 -4.19 -10.62 -39.48
C ASP C 255 -3.52 -10.51 -40.85
N TYR C 256 -2.50 -11.34 -41.06
CA TYR C 256 -1.58 -11.21 -42.17
C TYR C 256 -0.86 -12.54 -42.33
N ALA C 257 -0.55 -12.89 -43.58
CA ALA C 257 0.17 -14.14 -43.85
C ALA C 257 1.17 -14.01 -45.00
N ALA C 258 2.34 -14.61 -44.79
CA ALA C 258 3.30 -14.82 -45.87
C ALA C 258 3.77 -16.27 -45.88
N GLU C 259 3.22 -17.07 -44.96
CA GLU C 259 3.54 -18.50 -44.84
C GLU C 259 2.51 -19.23 -43.98
O5' 3DR D 1 3.91 -23.53 3.15
P 3DR D 1 3.50 -22.22 3.99
OP1 3DR D 1 4.46 -22.05 5.11
OP2 3DR D 1 2.16 -22.48 4.59
OP3 3DR D 1 3.70 -21.07 3.08
C2' 3DR D 1 6.83 -26.79 4.14
C5' 3DR D 1 4.38 -24.68 3.82
C4' 3DR D 1 5.26 -25.50 2.91
O4' 3DR D 1 6.57 -24.88 2.82
C1' 3DR D 1 7.56 -25.79 3.26
C3' 3DR D 1 5.51 -26.93 3.38
O3' 3DR D 1 5.65 -27.80 2.25
O5' 3DR E 1 -16.41 21.72 9.08
P 3DR E 1 -17.87 22.16 9.57
OP1 3DR E 1 -18.47 22.79 8.39
OP2 3DR E 1 -18.66 20.95 9.91
OP3 3DR E 1 -17.73 23.19 10.64
C2' 3DR E 1 -12.38 22.31 8.83
C5' 3DR E 1 -15.21 22.04 9.79
C4' 3DR E 1 -14.48 23.26 9.25
O4' 3DR E 1 -13.59 23.72 10.29
C1' 3DR E 1 -12.42 22.93 10.22
C3' 3DR E 1 -13.51 23.03 8.10
O3' 3DR E 1 -13.06 24.27 7.56
O5' 3DR F 1 13.88 6.93 -21.94
P 3DR F 1 15.20 6.08 -21.65
OP1 3DR F 1 15.76 6.59 -20.37
OP2 3DR F 1 14.83 4.66 -21.45
OP3 3DR F 1 16.13 6.44 -22.75
C2' 3DR F 1 11.82 10.41 -20.28
C5' 3DR F 1 13.24 7.69 -20.90
C4' 3DR F 1 13.77 9.11 -20.74
O4' 3DR F 1 13.49 9.94 -21.90
C1' 3DR F 1 12.23 10.56 -21.74
C3' 3DR F 1 13.08 9.86 -19.61
O3' 3DR F 1 13.94 10.88 -19.16
#